data_6F0A
#
_entry.id   6F0A
#
_cell.length_a   85.480
_cell.length_b   96.890
_cell.length_c   132.190
_cell.angle_alpha   90.000
_cell.angle_beta   90.000
_cell.angle_gamma   90.000
#
_symmetry.space_group_name_H-M   'P 21 21 21'
#
loop_
_entity.id
_entity.type
_entity.pdbx_description
1 polymer 'Indoleamine 2,3-dioxygenase 1'
2 non-polymer ~{N}-(4-chlorophenyl)-1~{H}-1,2,3-triazol-5-amine
3 non-polymer ALANINE
4 non-polymer 'PROTOPORPHYRIN IX CONTAINING FE'
5 water water
#
_entity_poly.entity_id   1
_entity_poly.type   'polypeptide(L)'
_entity_poly.pdbx_seq_one_letter_code
;ISKEYHIDEEVGFALPNPQENLPDFYNDWMFIAKHLPDLIESGQLRERVEKLNMLSIDHLTDHKSQRLARLVLGCITMAY
VWGKGHGDVRKVLPRNIAVPYCQLSKKLELPPILVYADCVLANWKKKDPNKPLTYENMDVLFSFRDGDCSKGFFLVSLLV
EIAAASAIKVIPTVFKAMQMQERDTLLKALLEIASCLEKALQVFHQIHDHVNPKAFFSVLRIYLSGWKGNPQLSDGLVYE
GFWEDPKEFAGGSAGQSSVFQCFDVLLGIQQTAGGGHAAQFLQDMRRYMPPAHRNFLCSLESNPSVREFVLSKGDAGLRE
AYDACVKALVSLRSYHLQIVTKYILIPASQQPKENKTSEDPSKLEAKGTGGTDLMNFLKTVRSTTEKSLLKEG
;
_entity_poly.pdbx_strand_id   A,C
#
# COMPACT_ATOMS: atom_id res chain seq x y z
N ILE A 1 -6.37 9.10 19.44
CA ILE A 1 -6.35 8.42 20.74
C ILE A 1 -6.22 6.87 20.59
N SER A 2 -6.11 6.17 21.73
CA SER A 2 -6.03 4.72 21.86
C SER A 2 -7.32 4.03 21.36
N LYS A 3 -8.50 4.69 21.56
CA LYS A 3 -9.82 4.20 21.15
C LYS A 3 -10.05 4.23 19.63
N GLU A 4 -9.42 5.21 18.94
CA GLU A 4 -9.54 5.37 17.50
C GLU A 4 -8.65 4.39 16.74
N TYR A 5 -7.44 4.13 17.26
CA TYR A 5 -6.47 3.26 16.61
C TYR A 5 -6.29 1.88 17.27
N HIS A 6 -7.12 1.57 18.29
CA HIS A 6 -7.09 0.31 19.04
C HIS A 6 -5.67 -0.03 19.50
N ILE A 7 -5.04 0.95 20.15
CA ILE A 7 -3.70 0.83 20.72
C ILE A 7 -3.89 0.91 22.22
N ASP A 8 -3.79 -0.23 22.90
CA ASP A 8 -3.98 -0.29 24.35
C ASP A 8 -2.77 0.39 25.02
N GLU A 9 -3.00 1.17 26.08
CA GLU A 9 -1.93 1.88 26.82
C GLU A 9 -0.92 0.91 27.45
N GLU A 10 -1.36 -0.31 27.80
CA GLU A 10 -0.52 -1.32 28.43
C GLU A 10 0.12 -2.32 27.46
N VAL A 11 -0.65 -2.81 26.45
CA VAL A 11 -0.15 -3.86 25.52
C VAL A 11 0.08 -3.36 24.05
N GLY A 12 -0.28 -2.11 23.76
CA GLY A 12 -0.08 -1.49 22.45
C GLY A 12 -0.96 -2.06 21.36
N PHE A 13 -0.31 -2.63 20.33
CA PHE A 13 -0.96 -3.23 19.17
C PHE A 13 -1.55 -4.62 19.51
N ALA A 14 -1.14 -5.20 20.65
CA ALA A 14 -1.69 -6.50 21.08
C ALA A 14 -3.16 -6.34 21.49
N LEU A 15 -3.93 -7.41 21.29
CA LEU A 15 -5.32 -7.43 21.68
C LEU A 15 -5.32 -7.64 23.20
N PRO A 16 -5.81 -6.65 23.99
CA PRO A 16 -5.80 -6.82 25.45
C PRO A 16 -6.77 -7.91 25.88
N ASN A 17 -6.40 -8.72 26.91
CA ASN A 17 -7.19 -9.84 27.45
C ASN A 17 -7.96 -10.61 26.36
N PRO A 18 -7.27 -11.38 25.47
CA PRO A 18 -7.98 -12.09 24.40
C PRO A 18 -9.00 -13.12 24.90
N GLN A 19 -10.06 -13.32 24.13
CA GLN A 19 -11.10 -14.31 24.48
C GLN A 19 -10.50 -15.74 24.37
N GLU A 20 -10.81 -16.62 25.32
CA GLU A 20 -10.30 -18.01 25.32
C GLU A 20 -11.29 -19.00 24.73
N ASN A 21 -12.60 -18.73 24.87
CA ASN A 21 -13.67 -19.61 24.43
C ASN A 21 -14.63 -18.96 23.48
N LEU A 22 -15.11 -19.74 22.48
CA LEU A 22 -16.13 -19.31 21.53
C LEU A 22 -17.48 -19.80 22.03
N PRO A 23 -18.62 -19.21 21.58
CA PRO A 23 -19.93 -19.76 21.99
C PRO A 23 -20.00 -21.26 21.66
N ASP A 24 -20.85 -22.02 22.38
CA ASP A 24 -21.00 -23.46 22.21
C ASP A 24 -21.30 -23.89 20.77
N PHE A 25 -21.88 -22.99 19.94
CA PHE A 25 -22.18 -23.23 18.52
C PHE A 25 -20.95 -23.64 17.73
N TYR A 26 -19.78 -23.13 18.13
CA TYR A 26 -18.49 -23.34 17.47
C TYR A 26 -17.58 -24.40 18.11
N ASN A 27 -18.14 -25.30 18.95
CA ASN A 27 -17.40 -26.37 19.63
C ASN A 27 -16.60 -27.26 18.66
N ASP A 28 -17.16 -27.55 17.47
CA ASP A 28 -16.49 -28.37 16.45
C ASP A 28 -15.19 -27.71 15.94
N TRP A 29 -15.16 -26.37 15.85
CA TRP A 29 -13.98 -25.60 15.43
C TRP A 29 -12.94 -25.66 16.54
N MET A 30 -13.38 -25.33 17.79
CA MET A 30 -12.55 -25.29 18.99
C MET A 30 -11.88 -26.62 19.31
N PHE A 31 -12.60 -27.75 19.16
CA PHE A 31 -12.01 -29.06 19.43
C PHE A 31 -10.81 -29.33 18.53
N ILE A 32 -10.95 -29.08 17.23
CA ILE A 32 -9.88 -29.27 16.26
C ILE A 32 -8.67 -28.35 16.56
N ALA A 33 -8.94 -27.05 16.80
CA ALA A 33 -7.92 -26.06 17.11
C ALA A 33 -7.21 -26.37 18.43
N LYS A 34 -7.95 -26.83 19.46
CA LYS A 34 -7.32 -27.17 20.73
C LYS A 34 -6.55 -28.49 20.66
N HIS A 35 -6.79 -29.32 19.61
CA HIS A 35 -6.17 -30.64 19.49
C HIS A 35 -5.34 -30.86 18.23
N LEU A 36 -4.85 -29.78 17.61
CA LEU A 36 -3.99 -29.85 16.44
C LEU A 36 -2.77 -30.79 16.67
N PRO A 37 -2.03 -30.73 17.81
CA PRO A 37 -0.91 -31.69 17.99
C PRO A 37 -1.33 -33.15 17.88
N ASP A 38 -2.45 -33.48 18.56
CA ASP A 38 -3.03 -34.82 18.65
C ASP A 38 -3.59 -35.29 17.34
N LEU A 39 -4.38 -34.44 16.69
CA LEU A 39 -4.98 -34.75 15.40
C LEU A 39 -3.95 -34.85 14.29
N ILE A 40 -2.89 -34.04 14.32
CA ILE A 40 -1.83 -34.12 13.30
C ILE A 40 -1.02 -35.40 13.50
N GLU A 41 -0.65 -35.70 14.77
CA GLU A 41 0.13 -36.90 15.12
C GLU A 41 -0.59 -38.21 14.72
N SER A 42 -1.92 -38.29 14.92
CA SER A 42 -2.74 -39.46 14.58
C SER A 42 -3.17 -39.57 13.11
N GLY A 43 -3.01 -38.49 12.35
CA GLY A 43 -3.38 -38.43 10.94
C GLY A 43 -4.87 -38.30 10.75
N GLN A 44 -5.54 -37.62 11.69
CA GLN A 44 -6.98 -37.46 11.69
C GLN A 44 -7.42 -36.01 11.58
N LEU A 45 -6.46 -35.08 11.39
CA LEU A 45 -6.73 -33.66 11.25
C LEU A 45 -7.59 -33.38 10.01
N ARG A 46 -7.13 -33.84 8.83
CA ARG A 46 -7.82 -33.60 7.57
C ARG A 46 -9.22 -34.14 7.56
N GLU A 47 -9.40 -35.37 8.06
CA GLU A 47 -10.72 -36.00 8.17
C GLU A 47 -11.65 -35.18 9.07
N ARG A 48 -11.15 -34.70 10.24
CA ARG A 48 -11.99 -33.89 11.14
C ARG A 48 -12.47 -32.62 10.47
N VAL A 49 -11.59 -31.98 9.67
CA VAL A 49 -11.87 -30.75 8.93
C VAL A 49 -12.87 -31.04 7.80
N GLU A 50 -12.64 -32.14 7.06
CA GLU A 50 -13.50 -32.57 5.95
C GLU A 50 -14.88 -33.04 6.42
N LYS A 51 -15.03 -33.33 7.73
CA LYS A 51 -16.28 -33.78 8.32
C LYS A 51 -17.12 -32.64 8.92
N LEU A 52 -16.52 -31.43 9.07
CA LEU A 52 -17.20 -30.26 9.62
C LEU A 52 -18.36 -29.84 8.73
N ASN A 53 -19.43 -29.33 9.36
CA ASN A 53 -20.58 -28.74 8.66
C ASN A 53 -20.26 -27.26 8.55
N MET A 54 -20.89 -26.55 7.60
CA MET A 54 -20.63 -25.12 7.46
C MET A 54 -21.33 -24.36 8.60
N LEU A 55 -20.56 -23.64 9.40
CA LEU A 55 -21.09 -22.87 10.53
C LEU A 55 -21.12 -21.38 10.21
N SER A 56 -22.28 -20.75 10.44
CA SER A 56 -22.49 -19.32 10.26
C SER A 56 -21.58 -18.56 11.22
N ILE A 57 -21.04 -17.41 10.80
CA ILE A 57 -20.18 -16.57 11.64
C ILE A 57 -21.02 -15.53 12.40
N ASP A 58 -22.35 -15.52 12.18
CA ASP A 58 -23.33 -14.60 12.78
C ASP A 58 -23.41 -14.64 14.31
N HIS A 59 -22.97 -15.74 14.93
CA HIS A 59 -23.02 -15.91 16.38
C HIS A 59 -21.77 -15.36 17.08
N LEU A 60 -20.86 -14.73 16.31
CA LEU A 60 -19.65 -14.05 16.80
C LEU A 60 -20.05 -12.56 16.76
N THR A 61 -20.58 -12.08 17.89
CA THR A 61 -21.18 -10.75 18.07
C THR A 61 -20.22 -9.61 18.35
N ASP A 62 -19.02 -9.89 18.88
CA ASP A 62 -18.03 -8.85 19.19
C ASP A 62 -16.66 -9.14 18.59
N HIS A 63 -15.78 -8.10 18.59
CA HIS A 63 -14.42 -8.16 18.05
C HIS A 63 -13.57 -9.28 18.65
N LYS A 64 -13.61 -9.45 19.99
CA LYS A 64 -12.84 -10.48 20.69
C LYS A 64 -13.21 -11.91 20.27
N SER A 65 -14.50 -12.15 19.99
CA SER A 65 -14.98 -13.45 19.54
C SER A 65 -14.54 -13.67 18.10
N GLN A 66 -14.62 -12.60 17.27
CA GLN A 66 -14.23 -12.62 15.86
C GLN A 66 -12.73 -12.91 15.71
N ARG A 67 -11.91 -12.31 16.59
CA ARG A 67 -10.46 -12.49 16.60
C ARG A 67 -10.09 -13.88 17.06
N LEU A 68 -10.79 -14.43 18.06
CA LEU A 68 -10.56 -15.80 18.50
C LEU A 68 -10.93 -16.77 17.38
N ALA A 69 -12.09 -16.54 16.75
CA ALA A 69 -12.54 -17.39 15.65
C ALA A 69 -11.54 -17.38 14.48
N ARG A 70 -10.97 -16.19 14.16
CA ARG A 70 -9.95 -16.01 13.12
C ARG A 70 -8.69 -16.82 13.43
N LEU A 71 -8.26 -16.79 14.69
CA LEU A 71 -7.08 -17.52 15.19
C LEU A 71 -7.31 -19.04 15.08
N VAL A 72 -8.45 -19.53 15.61
CA VAL A 72 -8.91 -20.91 15.54
C VAL A 72 -8.87 -21.40 14.08
N LEU A 73 -9.55 -20.69 13.18
CA LEU A 73 -9.64 -21.01 11.75
C LEU A 73 -8.31 -20.93 11.01
N GLY A 74 -7.48 -19.94 11.36
CA GLY A 74 -6.16 -19.73 10.80
C GLY A 74 -5.23 -20.88 11.15
N CYS A 75 -5.23 -21.29 12.43
CA CYS A 75 -4.47 -22.44 12.93
C CYS A 75 -4.91 -23.74 12.27
N ILE A 76 -6.23 -23.97 12.18
CA ILE A 76 -6.81 -25.14 11.51
C ILE A 76 -6.37 -25.16 10.02
N THR A 77 -6.47 -23.99 9.31
CA THR A 77 -6.07 -23.87 7.90
C THR A 77 -4.61 -24.27 7.72
N MET A 78 -3.71 -23.75 8.59
CA MET A 78 -2.26 -24.07 8.58
C MET A 78 -2.02 -25.56 8.76
N ALA A 79 -2.72 -26.19 9.73
CA ALA A 79 -2.60 -27.63 9.97
C ALA A 79 -3.15 -28.46 8.82
N TYR A 80 -4.27 -28.02 8.21
CA TYR A 80 -4.89 -28.73 7.10
C TYR A 80 -4.01 -28.68 5.84
N VAL A 81 -3.51 -27.49 5.52
CA VAL A 81 -2.65 -27.27 4.36
C VAL A 81 -1.30 -28.00 4.49
N TRP A 82 -0.59 -27.78 5.60
CA TRP A 82 0.75 -28.33 5.79
C TRP A 82 0.80 -29.77 6.34
N GLY A 83 -0.25 -30.23 7.01
CA GLY A 83 -0.30 -31.56 7.58
C GLY A 83 0.80 -31.83 8.58
N LYS A 84 1.62 -32.88 8.34
CA LYS A 84 2.75 -33.27 9.19
C LYS A 84 4.04 -32.51 8.90
N GLY A 85 4.00 -31.64 7.88
CA GLY A 85 5.11 -30.81 7.47
C GLY A 85 6.25 -31.50 6.75
N HIS A 86 6.02 -32.76 6.32
CA HIS A 86 7.04 -33.55 5.62
C HIS A 86 6.96 -33.39 4.10
N GLY A 87 5.83 -32.90 3.59
CA GLY A 87 5.64 -32.68 2.17
C GLY A 87 4.25 -32.95 1.62
N ASP A 88 3.40 -33.68 2.37
CA ASP A 88 2.04 -33.95 1.90
C ASP A 88 1.15 -32.75 2.19
N VAL A 89 0.96 -31.91 1.18
CA VAL A 89 0.17 -30.69 1.28
C VAL A 89 -1.24 -30.84 0.67
N ARG A 90 -2.13 -29.87 0.95
CA ARG A 90 -3.49 -29.81 0.41
C ARG A 90 -3.68 -28.44 -0.24
N LYS A 91 -4.10 -28.42 -1.51
CA LYS A 91 -4.28 -27.20 -2.30
C LYS A 91 -5.72 -26.66 -2.33
N VAL A 92 -6.64 -27.40 -1.71
CA VAL A 92 -8.05 -27.01 -1.64
C VAL A 92 -8.45 -27.01 -0.17
N LEU A 93 -8.88 -25.84 0.32
CA LEU A 93 -9.36 -25.72 1.70
C LEU A 93 -10.88 -26.08 1.62
N PRO A 94 -11.38 -27.13 2.33
CA PRO A 94 -12.81 -27.49 2.20
C PRO A 94 -13.76 -26.33 2.49
N ARG A 95 -14.81 -26.23 1.65
CA ARG A 95 -15.81 -25.16 1.70
C ARG A 95 -16.36 -24.85 3.11
N ASN A 96 -16.68 -25.89 3.89
CA ASN A 96 -17.29 -25.75 5.23
C ASN A 96 -16.40 -25.06 6.25
N ILE A 97 -15.12 -24.84 5.90
CA ILE A 97 -14.17 -24.12 6.72
C ILE A 97 -13.72 -22.84 5.95
N ALA A 98 -13.46 -22.96 4.62
CA ALA A 98 -13.05 -21.85 3.74
C ALA A 98 -14.09 -20.72 3.63
N VAL A 99 -15.40 -21.06 3.56
CA VAL A 99 -16.46 -20.04 3.45
C VAL A 99 -16.58 -19.23 4.76
N PRO A 100 -16.81 -19.81 5.97
CA PRO A 100 -16.86 -18.96 7.18
C PRO A 100 -15.55 -18.21 7.46
N TYR A 101 -14.40 -18.81 7.09
CA TYR A 101 -13.08 -18.20 7.28
C TYR A 101 -12.91 -16.94 6.43
N CYS A 102 -13.30 -17.02 5.16
CA CYS A 102 -13.19 -15.88 4.24
C CYS A 102 -14.19 -14.80 4.58
N GLN A 103 -15.37 -15.19 5.05
CA GLN A 103 -16.42 -14.28 5.47
C GLN A 103 -15.96 -13.48 6.69
N LEU A 104 -15.38 -14.18 7.69
CA LEU A 104 -14.86 -13.57 8.92
C LEU A 104 -13.68 -12.65 8.57
N SER A 105 -12.78 -13.13 7.69
CA SER A 105 -11.62 -12.39 7.20
C SER A 105 -12.09 -11.10 6.52
N LYS A 106 -13.03 -11.17 5.56
CA LYS A 106 -13.58 -10.00 4.87
C LYS A 106 -14.13 -8.97 5.89
N LYS A 107 -14.90 -9.42 6.89
CA LYS A 107 -15.46 -8.56 7.94
C LYS A 107 -14.34 -7.82 8.76
N LEU A 108 -13.23 -8.52 9.01
CA LEU A 108 -12.12 -8.02 9.80
C LEU A 108 -11.02 -7.36 8.95
N GLU A 109 -11.24 -7.31 7.62
CA GLU A 109 -10.36 -6.75 6.59
C GLU A 109 -8.96 -7.33 6.72
N LEU A 110 -8.89 -8.66 6.84
CA LEU A 110 -7.63 -9.37 6.99
C LEU A 110 -7.61 -10.49 5.96
N PRO A 111 -6.44 -10.89 5.42
CA PRO A 111 -6.45 -11.96 4.41
C PRO A 111 -6.79 -13.30 5.06
N PRO A 112 -7.37 -14.26 4.31
CA PRO A 112 -7.69 -15.56 4.93
C PRO A 112 -6.46 -16.46 5.08
N ILE A 113 -5.48 -16.00 5.86
CA ILE A 113 -4.25 -16.73 6.22
C ILE A 113 -3.90 -16.31 7.66
N LEU A 114 -3.25 -17.22 8.42
CA LEU A 114 -2.80 -16.91 9.77
C LEU A 114 -1.78 -15.78 9.69
N VAL A 115 -2.05 -14.69 10.44
CA VAL A 115 -1.16 -13.52 10.47
C VAL A 115 -0.64 -13.29 11.90
N TYR A 116 0.38 -12.44 12.01
CA TYR A 116 1.03 -11.98 13.24
C TYR A 116 0.00 -11.57 14.31
N ALA A 117 -1.00 -10.74 13.91
CA ALA A 117 -2.09 -10.19 14.74
C ALA A 117 -2.96 -11.28 15.37
N ASP A 118 -3.06 -12.45 14.70
CA ASP A 118 -3.78 -13.59 15.24
C ASP A 118 -2.87 -14.34 16.19
N CYS A 119 -1.80 -14.89 15.62
CA CYS A 119 -0.87 -15.81 16.24
C CYS A 119 0.00 -15.28 17.35
N VAL A 120 0.16 -13.97 17.45
CA VAL A 120 0.95 -13.33 18.49
C VAL A 120 0.05 -12.41 19.30
N LEU A 121 -0.58 -11.40 18.66
CA LEU A 121 -1.37 -10.38 19.36
C LEU A 121 -2.69 -10.87 19.96
N ALA A 122 -3.24 -12.02 19.51
CA ALA A 122 -4.50 -12.56 20.05
C ALA A 122 -4.34 -14.00 20.63
N ASN A 123 -3.15 -14.61 20.49
CA ASN A 123 -2.87 -15.99 20.93
C ASN A 123 -2.26 -16.07 22.33
N TRP A 124 -2.89 -15.43 23.32
CA TRP A 124 -2.30 -15.47 24.65
C TRP A 124 -3.28 -15.31 25.79
N LYS A 125 -2.81 -15.66 26.99
CA LYS A 125 -3.57 -15.53 28.23
C LYS A 125 -2.65 -15.35 29.39
N LYS A 126 -3.15 -14.74 30.46
CA LYS A 126 -2.48 -14.60 31.73
C LYS A 126 -2.90 -15.83 32.53
N LYS A 127 -1.95 -16.50 33.21
CA LYS A 127 -2.26 -17.67 34.07
C LYS A 127 -3.02 -17.15 35.30
N ASP A 128 -2.51 -16.08 35.92
CA ASP A 128 -3.12 -15.40 37.06
C ASP A 128 -3.34 -13.93 36.66
N PRO A 129 -4.60 -13.46 36.58
CA PRO A 129 -4.86 -12.07 36.15
C PRO A 129 -4.39 -10.98 37.11
N ASN A 130 -3.97 -11.37 38.34
CA ASN A 130 -3.48 -10.46 39.37
C ASN A 130 -1.96 -10.29 39.32
N LYS A 131 -1.27 -11.19 38.60
CA LYS A 131 0.18 -11.15 38.43
C LYS A 131 0.48 -10.47 37.08
N PRO A 132 1.63 -9.76 36.95
CA PRO A 132 1.89 -9.01 35.70
C PRO A 132 2.12 -9.83 34.43
N LEU A 133 2.32 -9.12 33.30
CA LEU A 133 2.59 -9.69 31.99
C LEU A 133 4.05 -10.12 31.83
N THR A 134 4.40 -11.26 32.42
CA THR A 134 5.73 -11.85 32.30
C THR A 134 5.53 -13.23 31.67
N TYR A 135 6.60 -13.79 31.08
CA TYR A 135 6.54 -15.11 30.47
C TYR A 135 5.93 -16.17 31.41
N GLU A 136 6.44 -16.23 32.65
CA GLU A 136 6.07 -17.14 33.74
C GLU A 136 4.57 -17.10 34.09
N ASN A 137 3.92 -15.93 33.91
CA ASN A 137 2.49 -15.76 34.17
C ASN A 137 1.67 -15.76 32.87
N MET A 138 2.23 -16.31 31.79
CA MET A 138 1.52 -16.31 30.50
C MET A 138 1.58 -17.63 29.78
N ASP A 139 0.59 -17.84 28.91
CA ASP A 139 0.53 -19.01 28.06
C ASP A 139 -0.13 -18.67 26.70
N VAL A 140 0.15 -19.47 25.65
CA VAL A 140 -0.52 -19.30 24.33
C VAL A 140 -1.83 -20.06 24.37
N LEU A 141 -2.73 -19.78 23.42
CA LEU A 141 -4.01 -20.48 23.37
C LEU A 141 -3.95 -21.72 22.48
N PHE A 142 -3.13 -21.68 21.42
CA PHE A 142 -3.00 -22.73 20.42
C PHE A 142 -1.57 -22.97 19.98
N SER A 143 -1.27 -24.25 19.74
CA SER A 143 0.00 -24.78 19.27
C SER A 143 -0.27 -25.68 18.06
N PHE A 144 0.77 -25.95 17.27
CA PHE A 144 0.65 -26.82 16.11
C PHE A 144 1.05 -28.25 16.42
N ARG A 145 2.22 -28.46 17.03
CA ARG A 145 2.74 -29.78 17.39
C ARG A 145 3.33 -29.78 18.79
N ASP A 146 3.36 -30.96 19.43
CA ASP A 146 4.00 -31.10 20.74
C ASP A 146 5.52 -30.90 20.51
N GLY A 147 6.11 -29.99 21.29
CA GLY A 147 7.53 -29.64 21.17
C GLY A 147 7.90 -28.67 20.04
N ASP A 148 6.90 -27.98 19.40
CA ASP A 148 7.20 -27.03 18.33
C ASP A 148 7.79 -25.68 18.83
N CYS A 149 7.74 -25.43 20.17
CA CYS A 149 8.24 -24.24 20.85
C CYS A 149 7.41 -23.00 20.52
N SER A 150 6.13 -23.20 20.12
CA SER A 150 5.21 -22.10 19.81
C SER A 150 4.93 -21.19 21.01
N LYS A 151 4.90 -21.74 22.24
CA LYS A 151 4.70 -20.94 23.45
C LYS A 151 5.85 -19.92 23.57
N GLY A 152 7.08 -20.42 23.54
CA GLY A 152 8.29 -19.60 23.59
C GLY A 152 8.38 -18.62 22.45
N PHE A 153 8.16 -19.09 21.21
CA PHE A 153 8.25 -18.21 20.04
C PHE A 153 7.17 -17.11 20.04
N PHE A 154 5.89 -17.48 20.18
CA PHE A 154 4.80 -16.49 20.18
C PHE A 154 4.84 -15.56 21.37
N LEU A 155 5.13 -16.08 22.61
CA LEU A 155 5.20 -15.22 23.79
C LEU A 155 6.40 -14.31 23.80
N VAL A 156 7.56 -14.76 23.31
CA VAL A 156 8.71 -13.86 23.27
C VAL A 156 8.42 -12.73 22.25
N SER A 157 7.86 -13.08 21.05
CA SER A 157 7.46 -12.11 20.03
C SER A 157 6.50 -11.08 20.65
N LEU A 158 5.53 -11.54 21.44
CA LEU A 158 4.56 -10.70 22.14
C LEU A 158 5.18 -9.85 23.25
N LEU A 159 6.11 -10.40 24.01
CA LEU A 159 6.76 -9.66 25.09
C LEU A 159 7.63 -8.52 24.55
N VAL A 160 8.33 -8.77 23.43
CA VAL A 160 9.12 -7.74 22.72
C VAL A 160 8.15 -6.66 22.21
N GLU A 161 6.96 -7.09 21.68
CA GLU A 161 5.87 -6.24 21.16
C GLU A 161 5.43 -5.23 22.21
N ILE A 162 4.95 -5.73 23.38
CA ILE A 162 4.48 -4.95 24.53
C ILE A 162 5.58 -4.00 25.08
N ALA A 163 6.85 -4.45 25.08
CA ALA A 163 7.98 -3.65 25.53
C ALA A 163 8.17 -2.45 24.60
N ALA A 164 8.34 -2.70 23.27
CA ALA A 164 8.52 -1.63 22.28
C ALA A 164 7.29 -0.74 22.18
N ALA A 165 6.08 -1.32 22.31
CA ALA A 165 4.83 -0.58 22.21
C ALA A 165 4.54 0.34 23.41
N SER A 166 5.31 0.27 24.50
CA SER A 166 5.08 1.21 25.62
C SER A 166 5.64 2.62 25.28
N ALA A 167 6.16 2.77 24.05
CA ALA A 167 6.69 4.02 23.50
C ALA A 167 5.69 4.65 22.53
N ILE A 168 4.69 3.88 22.02
CA ILE A 168 3.69 4.42 21.09
C ILE A 168 2.82 5.49 21.78
N LYS A 169 2.59 5.35 23.11
CA LYS A 169 1.80 6.33 23.88
C LYS A 169 2.49 7.71 23.92
N VAL A 170 3.81 7.74 23.58
CA VAL A 170 4.65 8.94 23.54
C VAL A 170 4.53 9.67 22.19
N ILE A 171 4.22 8.94 21.09
CA ILE A 171 4.08 9.51 19.73
C ILE A 171 3.20 10.80 19.70
N PRO A 172 1.98 10.86 20.33
CA PRO A 172 1.22 12.13 20.30
C PRO A 172 1.98 13.29 20.98
N THR A 173 2.76 12.99 22.05
CA THR A 173 3.58 13.96 22.77
C THR A 173 4.65 14.54 21.83
N VAL A 174 5.28 13.68 21.00
CA VAL A 174 6.28 14.05 20.00
C VAL A 174 5.71 15.07 19.01
N PHE A 175 4.57 14.74 18.37
CA PHE A 175 3.95 15.63 17.38
C PHE A 175 3.44 16.93 17.95
N LYS A 176 2.89 16.90 19.18
CA LYS A 176 2.41 18.12 19.84
C LYS A 176 3.60 19.03 20.22
N ALA A 177 4.72 18.43 20.72
CA ALA A 177 5.95 19.15 21.11
C ALA A 177 6.61 19.84 19.91
N MET A 178 6.54 19.21 18.72
CA MET A 178 7.08 19.82 17.50
C MET A 178 6.21 21.01 17.09
N GLN A 179 4.88 20.83 17.16
CA GLN A 179 3.85 21.80 16.82
C GLN A 179 3.90 23.04 17.71
N MET A 180 3.91 22.82 19.04
CA MET A 180 3.96 23.85 20.08
C MET A 180 5.36 24.40 20.30
N GLN A 181 6.33 23.87 19.50
CA GLN A 181 7.74 24.22 19.53
C GLN A 181 8.41 24.00 20.89
N GLU A 182 7.91 23.02 21.68
CA GLU A 182 8.42 22.66 23.02
C GLU A 182 9.65 21.75 22.86
N ARG A 183 10.85 22.34 22.91
CA ARG A 183 12.12 21.62 22.75
C ARG A 183 12.34 20.57 23.83
N ASP A 184 12.23 20.95 25.12
CA ASP A 184 12.45 20.05 26.26
C ASP A 184 11.54 18.81 26.23
N THR A 185 10.24 19.02 25.96
CA THR A 185 9.24 17.96 25.85
C THR A 185 9.62 16.97 24.74
N LEU A 186 10.04 17.48 23.58
CA LEU A 186 10.40 16.63 22.46
C LEU A 186 11.60 15.77 22.80
N LEU A 187 12.60 16.37 23.46
CA LEU A 187 13.82 15.72 23.91
C LEU A 187 13.50 14.56 24.86
N LYS A 188 12.67 14.83 25.90
CA LYS A 188 12.21 13.84 26.90
C LYS A 188 11.44 12.70 26.24
N ALA A 189 10.58 13.04 25.26
CA ALA A 189 9.79 12.09 24.51
C ALA A 189 10.67 11.10 23.73
N LEU A 190 11.64 11.61 22.92
CA LEU A 190 12.58 10.78 22.15
C LEU A 190 13.41 9.89 23.06
N LEU A 191 13.85 10.41 24.22
CA LEU A 191 14.63 9.63 25.18
C LEU A 191 13.81 8.46 25.75
N GLU A 192 12.51 8.70 26.03
CA GLU A 192 11.58 7.68 26.52
C GLU A 192 11.34 6.63 25.44
N ILE A 193 11.27 7.02 24.16
CA ILE A 193 11.16 6.08 23.04
C ILE A 193 12.42 5.22 23.00
N ALA A 194 13.62 5.83 22.98
CA ALA A 194 14.91 5.13 22.97
C ALA A 194 15.00 4.09 24.11
N SER A 195 14.56 4.47 25.33
CA SER A 195 14.52 3.65 26.53
C SER A 195 13.67 2.37 26.33
N CYS A 196 12.43 2.51 25.80
CA CYS A 196 11.53 1.40 25.53
C CYS A 196 12.09 0.46 24.49
N LEU A 197 12.71 1.02 23.44
CA LEU A 197 13.33 0.21 22.41
C LEU A 197 14.59 -0.51 22.91
N GLU A 198 15.30 0.08 23.90
CA GLU A 198 16.46 -0.54 24.52
C GLU A 198 15.95 -1.71 25.41
N LYS A 199 14.86 -1.48 26.16
CA LYS A 199 14.19 -2.47 27.02
C LYS A 199 13.68 -3.66 26.22
N ALA A 200 13.13 -3.41 25.02
CA ALA A 200 12.64 -4.44 24.11
C ALA A 200 13.74 -5.42 23.68
N LEU A 201 14.97 -4.93 23.48
CA LEU A 201 16.13 -5.74 23.11
C LEU A 201 16.49 -6.74 24.22
N GLN A 202 16.45 -6.28 25.50
CA GLN A 202 16.73 -7.12 26.66
C GLN A 202 15.64 -8.19 26.81
N VAL A 203 14.39 -7.83 26.47
CA VAL A 203 13.23 -8.75 26.50
C VAL A 203 13.45 -9.86 25.47
N PHE A 204 14.05 -9.50 24.33
CA PHE A 204 14.38 -10.43 23.24
C PHE A 204 15.34 -11.56 23.68
N HIS A 205 16.20 -11.32 24.70
CA HIS A 205 17.20 -12.30 25.20
C HIS A 205 16.59 -13.62 25.71
N GLN A 206 15.33 -13.58 26.22
CA GLN A 206 14.55 -14.75 26.69
C GLN A 206 14.33 -15.83 25.61
N ILE A 207 14.48 -15.49 24.31
CA ILE A 207 14.30 -16.40 23.17
C ILE A 207 15.11 -17.69 23.31
N HIS A 208 16.39 -17.59 23.78
CA HIS A 208 17.30 -18.72 23.95
C HIS A 208 16.81 -19.69 25.01
N ASP A 209 16.12 -19.17 26.04
CA ASP A 209 15.57 -19.96 27.15
C ASP A 209 14.33 -20.78 26.77
N HIS A 210 13.50 -20.29 25.84
CA HIS A 210 12.22 -20.95 25.53
C HIS A 210 12.07 -21.47 24.10
N VAL A 211 13.03 -21.18 23.21
CA VAL A 211 12.97 -21.68 21.83
C VAL A 211 14.20 -22.52 21.55
N ASN A 212 13.99 -23.73 21.04
CA ASN A 212 15.02 -24.68 20.65
C ASN A 212 15.23 -24.57 19.12
N PRO A 213 16.49 -24.37 18.64
CA PRO A 213 16.71 -24.20 17.18
C PRO A 213 16.21 -25.31 16.26
N LYS A 214 16.39 -26.58 16.66
CA LYS A 214 15.95 -27.72 15.86
C LYS A 214 14.42 -27.76 15.80
N ALA A 215 13.74 -27.60 16.94
CA ALA A 215 12.27 -27.58 17.02
C ALA A 215 11.70 -26.44 16.19
N PHE A 216 12.23 -25.23 16.38
CA PHE A 216 11.76 -24.08 15.62
C PHE A 216 11.92 -24.28 14.11
N PHE A 217 13.11 -24.67 13.65
CA PHE A 217 13.39 -24.81 12.23
C PHE A 217 12.64 -25.95 11.55
N SER A 218 12.74 -27.18 12.07
CA SER A 218 12.13 -28.31 11.40
C SER A 218 10.67 -28.60 11.79
N VAL A 219 10.09 -27.82 12.73
CA VAL A 219 8.71 -28.09 13.11
C VAL A 219 7.82 -26.86 12.99
N LEU A 220 8.08 -25.80 13.79
CA LEU A 220 7.23 -24.62 13.83
C LEU A 220 7.17 -23.81 12.51
N ARG A 221 8.33 -23.56 11.86
CA ARG A 221 8.42 -22.75 10.62
C ARG A 221 7.44 -23.16 9.53
N ILE A 222 7.17 -24.46 9.46
CA ILE A 222 6.27 -25.09 8.50
C ILE A 222 4.90 -24.43 8.55
N TYR A 223 4.34 -24.33 9.76
CA TYR A 223 2.96 -23.89 10.00
C TYR A 223 2.76 -22.41 9.94
N LEU A 224 3.84 -21.64 9.85
CA LEU A 224 3.75 -20.18 9.76
C LEU A 224 3.96 -19.75 8.30
N SER A 225 4.34 -20.72 7.44
CA SER A 225 4.62 -20.55 6.00
C SER A 225 3.32 -20.40 5.24
N GLY A 226 3.36 -19.59 4.19
CA GLY A 226 2.20 -19.27 3.37
C GLY A 226 2.22 -19.79 1.96
N TRP A 227 1.34 -19.21 1.12
CA TRP A 227 1.16 -19.64 -0.27
C TRP A 227 1.25 -18.49 -1.27
N LYS A 228 2.34 -17.71 -1.18
CA LYS A 228 2.68 -16.63 -2.10
C LYS A 228 4.16 -16.81 -2.40
N GLY A 229 4.46 -17.13 -3.65
CA GLY A 229 5.82 -17.40 -4.09
C GLY A 229 6.41 -18.66 -3.46
N ASN A 230 5.54 -19.58 -3.00
CA ASN A 230 5.94 -20.85 -2.41
C ASN A 230 5.81 -21.91 -3.48
N PRO A 231 6.90 -22.64 -3.81
CA PRO A 231 6.81 -23.66 -4.88
C PRO A 231 5.89 -24.84 -4.56
N GLN A 232 5.56 -25.04 -3.26
CA GLN A 232 4.67 -26.11 -2.80
C GLN A 232 3.21 -25.81 -3.16
N LEU A 233 2.86 -24.51 -3.24
CA LEU A 233 1.52 -24.01 -3.61
C LEU A 233 1.71 -22.82 -4.56
N SER A 234 2.31 -23.11 -5.73
CA SER A 234 2.68 -22.18 -6.81
C SER A 234 1.57 -21.24 -7.29
N ASP A 235 0.32 -21.72 -7.30
CA ASP A 235 -0.84 -20.96 -7.77
C ASP A 235 -1.64 -20.40 -6.61
N GLY A 236 -1.24 -20.73 -5.39
CA GLY A 236 -1.93 -20.34 -4.18
C GLY A 236 -2.85 -21.43 -3.68
N LEU A 237 -3.82 -21.05 -2.85
CA LEU A 237 -4.76 -21.98 -2.23
C LEU A 237 -6.18 -21.74 -2.72
N VAL A 238 -6.92 -22.83 -2.98
CA VAL A 238 -8.32 -22.75 -3.40
C VAL A 238 -9.16 -22.65 -2.10
N TYR A 239 -9.90 -21.56 -1.97
CA TYR A 239 -10.83 -21.32 -0.87
C TYR A 239 -12.19 -21.70 -1.43
N GLU A 240 -12.45 -23.01 -1.44
CA GLU A 240 -13.65 -23.64 -2.01
C GLU A 240 -14.94 -23.01 -1.52
N GLY A 241 -15.82 -22.68 -2.47
CA GLY A 241 -17.11 -22.04 -2.21
C GLY A 241 -17.03 -20.54 -2.03
N PHE A 242 -15.80 -20.00 -1.91
CA PHE A 242 -15.65 -18.57 -1.74
C PHE A 242 -15.10 -17.89 -3.00
N TRP A 243 -13.98 -18.42 -3.53
CA TRP A 243 -13.38 -17.97 -4.80
C TRP A 243 -13.13 -19.22 -5.64
N GLU A 244 -13.31 -19.06 -6.95
CA GLU A 244 -13.15 -20.12 -7.94
C GLU A 244 -11.67 -20.44 -8.16
N ASP A 245 -10.85 -19.40 -8.35
CA ASP A 245 -9.42 -19.53 -8.63
C ASP A 245 -8.57 -19.58 -7.34
N PRO A 246 -7.42 -20.29 -7.35
CA PRO A 246 -6.56 -20.31 -6.15
C PRO A 246 -5.99 -18.93 -5.86
N LYS A 247 -5.92 -18.52 -4.58
CA LYS A 247 -5.41 -17.20 -4.19
C LYS A 247 -4.13 -17.33 -3.38
N GLU A 248 -3.18 -16.42 -3.69
CA GLU A 248 -1.87 -16.33 -3.05
C GLU A 248 -1.87 -15.34 -1.89
N PHE A 249 -1.35 -15.79 -0.73
CA PHE A 249 -1.21 -14.99 0.49
C PHE A 249 0.09 -15.36 1.16
N ALA A 250 0.81 -14.32 1.65
CA ALA A 250 2.10 -14.49 2.30
C ALA A 250 1.93 -15.08 3.68
N GLY A 251 2.92 -15.88 4.10
CA GLY A 251 2.95 -16.46 5.44
C GLY A 251 3.23 -15.39 6.49
N GLY A 252 3.15 -15.78 7.76
CA GLY A 252 3.34 -14.85 8.88
C GLY A 252 4.76 -14.46 9.18
N SER A 253 4.98 -13.17 9.51
CA SER A 253 6.26 -12.61 9.95
C SER A 253 6.08 -11.35 10.79
N ALA A 254 7.09 -10.98 11.61
CA ALA A 254 6.98 -9.73 12.36
C ALA A 254 7.12 -8.48 11.44
N GLY A 255 7.25 -8.72 10.14
CA GLY A 255 7.14 -7.69 9.12
C GLY A 255 5.70 -7.17 9.10
N GLN A 256 4.78 -7.96 9.68
CA GLN A 256 3.35 -7.60 9.87
C GLN A 256 3.16 -6.92 11.24
N SER A 257 4.26 -6.67 11.99
CA SER A 257 4.15 -5.98 13.26
C SER A 257 4.07 -4.50 12.99
N SER A 258 3.14 -3.83 13.65
CA SER A 258 2.96 -2.41 13.48
C SER A 258 3.97 -1.62 14.28
N VAL A 259 4.51 -2.20 15.38
CA VAL A 259 5.39 -1.45 16.28
C VAL A 259 6.73 -1.07 15.57
N PHE A 260 7.41 -2.02 14.89
CA PHE A 260 8.67 -1.69 14.21
C PHE A 260 8.48 -0.81 12.99
N GLN A 261 7.39 -1.04 12.22
CA GLN A 261 7.06 -0.20 11.07
C GLN A 261 6.72 1.25 11.51
N CYS A 262 6.00 1.42 12.62
CA CYS A 262 5.62 2.77 13.08
C CYS A 262 6.84 3.60 13.57
N PHE A 263 7.87 2.96 14.15
CA PHE A 263 9.06 3.68 14.59
C PHE A 263 9.95 4.06 13.43
N ASP A 264 10.00 3.21 12.38
CA ASP A 264 10.73 3.54 11.16
C ASP A 264 10.06 4.73 10.48
N VAL A 265 8.70 4.76 10.46
CA VAL A 265 7.93 5.86 9.88
C VAL A 265 8.17 7.15 10.66
N LEU A 266 7.94 7.14 12.00
CA LEU A 266 8.15 8.28 12.89
C LEU A 266 9.55 8.90 12.75
N LEU A 267 10.59 8.05 12.75
CA LEU A 267 11.98 8.51 12.66
C LEU A 267 12.47 8.79 11.22
N GLY A 268 11.57 8.70 10.24
CA GLY A 268 11.89 8.94 8.84
C GLY A 268 12.93 7.99 8.27
N ILE A 269 12.93 6.72 8.72
CA ILE A 269 13.90 5.71 8.26
C ILE A 269 13.57 5.26 6.80
N GLN A 270 12.31 5.39 6.39
CA GLN A 270 11.86 5.13 5.01
C GLN A 270 12.23 3.74 4.49
N GLN A 271 11.73 2.73 5.19
CA GLN A 271 11.90 1.32 4.84
C GLN A 271 11.03 1.01 3.65
N THR A 272 9.92 1.75 3.51
CA THR A 272 8.91 1.62 2.45
C THR A 272 9.22 2.43 1.16
N ALA A 273 10.27 3.29 1.19
CA ALA A 273 10.66 4.16 0.10
C ALA A 273 11.02 3.43 -1.20
N GLY A 274 10.51 3.99 -2.29
CA GLY A 274 10.72 3.52 -3.66
C GLY A 274 10.40 2.06 -3.91
N GLY A 275 11.15 1.49 -4.85
CA GLY A 275 11.05 0.10 -5.23
C GLY A 275 11.99 -0.74 -4.40
N GLY A 276 12.26 -1.95 -4.88
CA GLY A 276 13.11 -2.90 -4.19
C GLY A 276 12.24 -3.81 -3.37
N HIS A 277 12.66 -5.07 -3.26
CA HIS A 277 11.94 -6.13 -2.54
C HIS A 277 11.60 -5.80 -1.09
N ALA A 278 12.50 -5.13 -0.33
CA ALA A 278 12.25 -4.81 1.08
C ALA A 278 11.07 -3.88 1.26
N ALA A 279 11.10 -2.76 0.54
CA ALA A 279 10.08 -1.72 0.52
C ALA A 279 8.71 -2.27 0.12
N GLN A 280 8.71 -3.12 -0.91
CA GLN A 280 7.50 -3.73 -1.44
C GLN A 280 6.90 -4.69 -0.42
N PHE A 281 7.74 -5.55 0.20
CA PHE A 281 7.28 -6.47 1.22
C PHE A 281 6.69 -5.75 2.46
N LEU A 282 7.37 -4.73 2.97
CA LEU A 282 6.91 -4.00 4.17
C LEU A 282 5.64 -3.20 3.94
N GLN A 283 5.45 -2.67 2.71
CA GLN A 283 4.22 -1.97 2.35
C GLN A 283 3.06 -3.00 2.20
N ASP A 284 3.33 -4.15 1.53
CA ASP A 284 2.36 -5.24 1.32
C ASP A 284 1.85 -5.81 2.67
N MET A 285 2.75 -5.91 3.66
CA MET A 285 2.42 -6.43 5.00
C MET A 285 1.49 -5.55 5.82
N ARG A 286 1.25 -4.31 5.40
CA ARG A 286 0.35 -3.38 6.10
C ARG A 286 -1.13 -3.79 5.95
N ARG A 287 -1.43 -4.55 4.89
CA ARG A 287 -2.77 -5.03 4.64
C ARG A 287 -2.95 -6.43 5.28
N TYR A 288 -1.89 -6.94 5.97
CA TYR A 288 -1.87 -8.15 6.78
C TYR A 288 -1.94 -7.73 8.25
N MET A 289 -2.16 -6.42 8.51
CA MET A 289 -2.29 -5.85 9.85
C MET A 289 -3.76 -5.45 10.08
N PRO A 290 -4.26 -5.42 11.36
CA PRO A 290 -5.65 -4.96 11.59
C PRO A 290 -5.90 -3.57 10.98
N PRO A 291 -7.12 -3.28 10.43
CA PRO A 291 -7.34 -1.98 9.75
C PRO A 291 -6.99 -0.74 10.56
N ALA A 292 -7.32 -0.72 11.87
CA ALA A 292 -7.01 0.40 12.78
C ALA A 292 -5.50 0.61 12.90
N HIS A 293 -4.73 -0.48 12.81
CA HIS A 293 -3.28 -0.43 12.89
C HIS A 293 -2.69 0.03 11.55
N ARG A 294 -3.25 -0.46 10.44
CA ARG A 294 -2.88 0.01 9.09
C ARG A 294 -3.16 1.55 9.03
N ASN A 295 -4.31 1.99 9.59
CA ASN A 295 -4.72 3.40 9.64
C ASN A 295 -3.75 4.24 10.43
N PHE A 296 -3.24 3.71 11.55
CA PHE A 296 -2.29 4.40 12.42
C PHE A 296 -0.99 4.68 11.70
N LEU A 297 -0.46 3.66 11.00
CA LEU A 297 0.77 3.72 10.24
C LEU A 297 0.73 4.78 9.16
N CYS A 298 -0.28 4.78 8.28
CA CYS A 298 -0.29 5.81 7.23
C CYS A 298 -0.63 7.23 7.78
N SER A 299 -1.24 7.31 8.98
CA SER A 299 -1.55 8.56 9.66
C SER A 299 -0.24 9.23 10.11
N LEU A 300 0.75 8.42 10.55
CA LEU A 300 2.07 8.90 10.96
C LEU A 300 2.78 9.49 9.76
N GLU A 301 2.65 8.82 8.59
CA GLU A 301 3.23 9.26 7.32
C GLU A 301 2.74 10.65 6.90
N SER A 302 1.48 11.00 7.24
CA SER A 302 0.89 12.31 6.92
C SER A 302 1.37 13.44 7.84
N ASN A 303 2.04 13.10 8.94
CA ASN A 303 2.52 14.07 9.92
C ASN A 303 3.87 14.67 9.54
N PRO A 304 4.25 15.87 10.06
CA PRO A 304 5.56 16.43 9.70
C PRO A 304 6.73 15.55 10.18
N SER A 305 7.88 15.63 9.48
CA SER A 305 9.07 14.84 9.74
C SER A 305 9.78 15.18 11.05
N VAL A 306 9.91 14.19 11.95
CA VAL A 306 10.60 14.34 13.24
C VAL A 306 12.08 14.55 12.93
N ARG A 307 12.61 13.77 11.98
CA ARG A 307 13.98 13.79 11.49
C ARG A 307 14.35 15.15 10.90
N GLU A 308 13.44 15.79 10.18
CA GLU A 308 13.69 17.09 9.58
C GLU A 308 13.68 18.20 10.63
N PHE A 309 12.78 18.09 11.63
CA PHE A 309 12.67 19.05 12.74
C PHE A 309 14.00 19.07 13.50
N VAL A 310 14.43 17.89 13.98
CA VAL A 310 15.68 17.68 14.72
C VAL A 310 16.88 18.24 13.93
N LEU A 311 16.92 18.00 12.60
CA LEU A 311 18.00 18.46 11.71
C LEU A 311 18.08 19.98 11.51
N SER A 312 16.96 20.67 11.71
CA SER A 312 16.82 22.12 11.51
C SER A 312 17.02 22.94 12.80
N LYS A 313 17.46 22.31 13.91
CA LYS A 313 17.55 23.03 15.18
C LYS A 313 18.97 23.35 15.69
N GLY A 314 20.01 22.72 15.15
CA GLY A 314 21.38 22.93 15.60
C GLY A 314 21.49 22.68 17.10
N ASP A 315 20.80 21.61 17.54
CA ASP A 315 20.64 21.17 18.91
C ASP A 315 21.23 19.78 19.06
N ALA A 316 22.43 19.68 19.66
CA ALA A 316 23.14 18.41 19.88
C ALA A 316 22.29 17.44 20.70
N GLY A 317 21.65 17.96 21.76
CA GLY A 317 20.74 17.22 22.64
C GLY A 317 19.65 16.49 21.89
N LEU A 318 18.95 17.19 20.99
CA LEU A 318 17.90 16.66 20.14
C LEU A 318 18.42 15.62 19.16
N ARG A 319 19.55 15.92 18.47
CA ARG A 319 20.18 15.01 17.52
C ARG A 319 20.59 13.72 18.22
N GLU A 320 21.10 13.83 19.46
CA GLU A 320 21.53 12.70 20.28
C GLU A 320 20.38 11.82 20.70
N ALA A 321 19.24 12.41 21.13
CA ALA A 321 18.02 11.68 21.55
C ALA A 321 17.41 10.98 20.34
N TYR A 322 17.43 11.64 19.16
CA TYR A 322 16.96 11.04 17.91
C TYR A 322 17.84 9.82 17.58
N ASP A 323 19.19 10.02 17.60
CA ASP A 323 20.16 8.98 17.31
C ASP A 323 20.08 7.80 18.28
N ALA A 324 19.68 8.07 19.56
CA ALA A 324 19.48 7.04 20.59
C ALA A 324 18.29 6.11 20.17
N CYS A 325 17.25 6.65 19.52
CA CYS A 325 16.09 5.91 18.98
C CYS A 325 16.53 5.06 17.78
N VAL A 326 17.28 5.65 16.84
CA VAL A 326 17.76 4.96 15.64
C VAL A 326 18.75 3.83 16.04
N LYS A 327 19.67 4.11 16.98
CA LYS A 327 20.66 3.13 17.50
C LYS A 327 19.98 1.91 18.09
N ALA A 328 18.97 2.14 18.95
CA ALA A 328 18.19 1.09 19.59
C ALA A 328 17.54 0.15 18.54
N LEU A 329 17.04 0.69 17.42
CA LEU A 329 16.47 -0.11 16.31
C LEU A 329 17.56 -0.95 15.61
N VAL A 330 18.75 -0.35 15.35
CA VAL A 330 19.93 -0.98 14.74
C VAL A 330 20.40 -2.14 15.64
N SER A 331 20.47 -1.88 16.97
CA SER A 331 20.88 -2.90 17.95
C SER A 331 19.91 -4.07 17.95
N LEU A 332 18.58 -3.75 17.95
CA LEU A 332 17.51 -4.75 17.89
C LEU A 332 17.63 -5.63 16.62
N ARG A 333 17.84 -4.99 15.45
CA ARG A 333 17.99 -5.68 14.18
C ARG A 333 19.27 -6.45 14.06
N SER A 334 20.39 -5.95 14.63
CA SER A 334 21.67 -6.65 14.61
C SER A 334 21.55 -7.91 15.45
N TYR A 335 20.91 -7.80 16.61
CA TYR A 335 20.64 -8.94 17.48
C TYR A 335 19.72 -9.95 16.77
N HIS A 336 18.69 -9.46 16.08
CA HIS A 336 17.74 -10.26 15.30
C HIS A 336 18.45 -11.14 14.26
N LEU A 337 19.47 -10.60 13.58
CA LEU A 337 20.29 -11.34 12.60
C LEU A 337 21.19 -12.39 13.29
N GLN A 338 21.57 -12.17 14.57
CA GLN A 338 22.35 -13.18 15.32
C GLN A 338 21.42 -14.39 15.60
N ILE A 339 20.17 -14.10 15.94
CA ILE A 339 19.12 -15.08 16.22
C ILE A 339 18.72 -15.84 14.98
N VAL A 340 18.71 -15.17 13.82
CA VAL A 340 18.41 -15.81 12.54
C VAL A 340 19.54 -16.81 12.21
N THR A 341 20.78 -16.49 12.59
CA THR A 341 21.91 -17.41 12.37
C THR A 341 21.70 -18.70 13.20
N LYS A 342 21.39 -18.53 14.49
CA LYS A 342 21.17 -19.64 15.42
C LYS A 342 19.88 -20.45 15.12
N TYR A 343 18.78 -19.78 14.80
CA TYR A 343 17.48 -20.45 14.63
C TYR A 343 17.13 -20.85 13.18
N ILE A 344 17.80 -20.28 12.16
CA ILE A 344 17.53 -20.66 10.76
C ILE A 344 18.79 -21.22 10.07
N LEU A 345 19.85 -20.40 9.92
CA LEU A 345 21.08 -20.72 9.20
C LEU A 345 21.83 -21.96 9.70
N ILE A 346 22.16 -22.03 11.01
CA ILE A 346 22.86 -23.20 11.57
C ILE A 346 21.97 -24.47 11.41
N PRO A 347 20.66 -24.52 11.81
CA PRO A 347 19.88 -25.75 11.55
C PRO A 347 19.73 -26.07 10.06
N ALA A 348 19.50 -25.05 9.18
CA ALA A 348 19.41 -25.26 7.73
C ALA A 348 20.65 -25.95 7.15
N SER A 349 21.86 -25.65 7.69
CA SER A 349 23.13 -26.24 7.26
C SER A 349 23.29 -27.70 7.72
N GLN A 350 22.54 -28.10 8.77
CA GLN A 350 22.55 -29.44 9.35
C GLN A 350 21.55 -30.38 8.63
N GLN A 351 20.72 -29.83 7.71
CA GLN A 351 19.75 -30.60 6.91
C GLN A 351 20.48 -31.51 5.90
N PRO A 352 19.98 -32.75 5.63
CA PRO A 352 20.69 -33.65 4.70
C PRO A 352 20.73 -33.16 3.24
N LYS A 353 21.76 -32.35 2.92
CA LYS A 353 21.98 -31.76 1.59
C LYS A 353 23.11 -32.47 0.85
N LEU A 364 17.02 -21.04 -4.44
CA LEU A 364 18.44 -20.94 -4.11
C LEU A 364 18.71 -20.26 -2.74
N GLU A 365 18.14 -19.05 -2.49
CA GLU A 365 18.34 -18.32 -1.23
C GLU A 365 17.30 -18.61 -0.16
N ALA A 366 17.75 -18.68 1.11
CA ALA A 366 16.90 -18.96 2.28
C ALA A 366 15.66 -18.06 2.36
N LYS A 367 14.49 -18.69 2.41
CA LYS A 367 13.22 -17.99 2.47
C LYS A 367 12.66 -17.96 3.87
N GLY A 368 12.15 -16.79 4.26
CA GLY A 368 11.51 -16.61 5.56
C GLY A 368 10.07 -17.06 5.44
N THR A 369 9.38 -17.27 6.58
CA THR A 369 7.96 -17.66 6.56
C THR A 369 7.12 -16.58 5.85
N GLY A 370 7.58 -15.32 5.90
CA GLY A 370 6.95 -14.18 5.24
C GLY A 370 7.14 -14.20 3.73
N GLY A 371 8.07 -15.04 3.25
CA GLY A 371 8.37 -15.20 1.84
C GLY A 371 9.53 -14.40 1.27
N THR A 372 10.27 -13.66 2.10
CA THR A 372 11.43 -12.87 1.61
C THR A 372 12.70 -13.73 1.50
N ASP A 373 13.70 -13.24 0.74
CA ASP A 373 15.05 -13.79 0.71
C ASP A 373 15.58 -13.11 1.96
N LEU A 374 15.29 -13.73 3.12
CA LEU A 374 15.46 -13.22 4.48
C LEU A 374 16.82 -12.57 4.77
N MET A 375 17.94 -13.13 4.28
CA MET A 375 19.26 -12.55 4.54
C MET A 375 19.42 -11.17 3.91
N ASN A 376 19.15 -11.07 2.60
CA ASN A 376 19.23 -9.81 1.87
C ASN A 376 18.21 -8.82 2.40
N PHE A 377 16.97 -9.29 2.70
CA PHE A 377 15.90 -8.46 3.23
C PHE A 377 16.29 -7.85 4.59
N LEU A 378 16.65 -8.70 5.57
CA LEU A 378 17.02 -8.27 6.93
C LEU A 378 18.24 -7.34 6.96
N LYS A 379 19.23 -7.61 6.10
CA LYS A 379 20.41 -6.76 5.99
C LYS A 379 20.01 -5.43 5.34
N THR A 380 19.15 -5.44 4.30
CA THR A 380 18.67 -4.21 3.62
C THR A 380 17.98 -3.29 4.62
N VAL A 381 17.09 -3.85 5.45
CA VAL A 381 16.33 -3.18 6.47
C VAL A 381 17.23 -2.67 7.58
N ARG A 382 18.20 -3.49 8.03
CA ARG A 382 19.18 -3.08 9.08
C ARG A 382 20.03 -1.91 8.57
N SER A 383 20.59 -2.05 7.37
CA SER A 383 21.45 -1.04 6.75
C SER A 383 20.74 0.31 6.54
N THR A 384 19.42 0.31 6.24
CA THR A 384 18.60 1.50 6.03
C THR A 384 18.41 2.25 7.37
N THR A 385 18.31 1.50 8.47
CA THR A 385 18.18 2.04 9.82
C THR A 385 19.50 2.71 10.21
N GLU A 386 20.64 2.01 10.03
CA GLU A 386 21.96 2.50 10.35
C GLU A 386 22.28 3.76 9.56
N LYS A 387 21.92 3.77 8.26
CA LYS A 387 22.17 4.93 7.38
C LYS A 387 21.31 6.15 7.71
N SER A 388 20.37 6.02 8.65
CA SER A 388 19.52 7.13 9.09
C SER A 388 20.16 7.82 10.31
N LEU A 389 21.26 7.27 10.83
CA LEU A 389 21.97 7.89 11.96
C LEU A 389 22.55 9.23 11.52
N LEU A 390 22.35 10.27 12.35
CA LEU A 390 22.81 11.63 12.08
C LEU A 390 24.32 11.71 12.29
N LYS A 391 24.84 10.84 13.19
CA LYS A 391 26.24 10.66 13.58
C LYS A 391 26.46 9.18 14.00
N GLU A 392 27.70 8.69 13.77
CA GLU A 392 28.37 7.42 14.11
C GLU A 392 29.44 7.13 13.04
N GLY A 393 30.12 8.20 12.61
CA GLY A 393 31.15 8.19 11.57
C GLY A 393 32.44 7.57 12.05
N ILE B 1 -8.65 21.10 5.22
CA ILE B 1 -9.32 20.16 4.31
C ILE B 1 -8.84 20.36 2.87
N SER B 2 -8.79 21.64 2.43
CA SER B 2 -8.32 22.06 1.10
C SER B 2 -6.82 22.34 1.19
N LYS B 3 -6.37 23.06 2.25
CA LYS B 3 -4.98 23.44 2.51
C LYS B 3 -4.13 22.25 2.95
N GLU B 4 -4.69 21.37 3.81
CA GLU B 4 -4.05 20.18 4.37
C GLU B 4 -3.66 19.13 3.30
N TYR B 5 -4.60 18.78 2.40
CA TYR B 5 -4.38 17.74 1.39
C TYR B 5 -4.22 18.27 -0.05
N HIS B 6 -4.04 19.60 -0.21
CA HIS B 6 -3.82 20.27 -1.51
C HIS B 6 -4.90 19.90 -2.55
N ILE B 7 -6.16 20.05 -2.15
CA ILE B 7 -7.31 19.78 -2.99
C ILE B 7 -7.97 21.15 -3.22
N ASP B 8 -8.11 21.53 -4.50
CA ASP B 8 -8.69 22.82 -4.88
C ASP B 8 -10.20 22.76 -4.96
N GLU B 9 -10.87 23.84 -4.56
CA GLU B 9 -12.32 23.97 -4.56
C GLU B 9 -12.90 23.78 -5.98
N GLU B 10 -12.17 24.31 -6.99
CA GLU B 10 -12.58 24.28 -8.39
C GLU B 10 -12.07 23.07 -9.19
N VAL B 11 -10.74 22.79 -9.14
CA VAL B 11 -10.07 21.76 -9.95
C VAL B 11 -9.70 20.47 -9.16
N GLY B 12 -9.99 20.43 -7.86
CA GLY B 12 -9.74 19.29 -7.00
C GLY B 12 -8.30 18.84 -6.87
N PHE B 13 -8.01 17.61 -7.33
CA PHE B 13 -6.66 17.05 -7.29
C PHE B 13 -5.71 17.67 -8.33
N ALA B 14 -6.26 18.35 -9.36
CA ALA B 14 -5.44 19.01 -10.39
C ALA B 14 -4.73 20.19 -9.80
N LEU B 15 -3.52 20.50 -10.32
CA LEU B 15 -2.78 21.65 -9.85
C LEU B 15 -3.43 22.91 -10.41
N PRO B 16 -3.94 23.82 -9.52
CA PRO B 16 -4.56 25.07 -10.02
C PRO B 16 -3.54 25.94 -10.74
N ASN B 17 -3.98 26.70 -11.76
CA ASN B 17 -3.17 27.60 -12.59
C ASN B 17 -1.71 27.17 -12.71
N PRO B 18 -1.43 26.02 -13.40
CA PRO B 18 -0.04 25.54 -13.51
C PRO B 18 0.88 26.55 -14.19
N GLN B 19 2.11 26.65 -13.68
CA GLN B 19 3.15 27.55 -14.17
C GLN B 19 3.55 27.13 -15.60
N GLU B 20 3.66 28.10 -16.52
CA GLU B 20 3.98 27.84 -17.93
C GLU B 20 5.47 27.92 -18.28
N ASN B 21 6.19 28.82 -17.59
CA ASN B 21 7.61 29.09 -17.81
C ASN B 21 8.46 28.84 -16.57
N LEU B 22 9.70 28.40 -16.79
CA LEU B 22 10.68 28.15 -15.74
C LEU B 22 11.70 29.32 -15.70
N PRO B 23 12.42 29.57 -14.58
CA PRO B 23 13.44 30.64 -14.60
C PRO B 23 14.49 30.40 -15.68
N ASP B 24 15.01 31.51 -16.26
CA ASP B 24 16.01 31.53 -17.33
C ASP B 24 17.12 30.48 -17.24
N PHE B 25 17.55 30.10 -16.01
CA PHE B 25 18.58 29.10 -15.74
C PHE B 25 18.26 27.73 -16.39
N TYR B 26 16.97 27.40 -16.54
CA TYR B 26 16.50 26.12 -17.08
C TYR B 26 15.99 26.17 -18.55
N ASN B 27 16.47 27.13 -19.33
CA ASN B 27 16.10 27.33 -20.74
C ASN B 27 16.49 26.15 -21.62
N ASP B 28 17.64 25.51 -21.34
CA ASP B 28 18.18 24.35 -22.06
C ASP B 28 17.22 23.16 -21.96
N TRP B 29 16.50 23.04 -20.82
CA TRP B 29 15.47 22.02 -20.60
C TRP B 29 14.25 22.41 -21.39
N MET B 30 13.83 23.68 -21.26
CA MET B 30 12.65 24.25 -21.90
C MET B 30 12.70 24.24 -23.43
N PHE B 31 13.88 24.48 -24.05
CA PHE B 31 14.05 24.47 -25.51
C PHE B 31 13.81 23.08 -26.08
N ILE B 32 14.20 22.03 -25.32
CA ILE B 32 14.01 20.63 -25.71
C ILE B 32 12.53 20.21 -25.52
N ALA B 33 11.99 20.38 -24.29
CA ALA B 33 10.63 20.01 -23.90
C ALA B 33 9.54 20.69 -24.72
N LYS B 34 9.75 21.95 -25.14
CA LYS B 34 8.77 22.70 -25.92
C LYS B 34 8.76 22.32 -27.41
N HIS B 35 9.80 21.61 -27.89
CA HIS B 35 9.95 21.29 -29.30
C HIS B 35 10.16 19.82 -29.61
N LEU B 36 9.60 18.93 -28.76
CA LEU B 36 9.67 17.47 -28.93
C LEU B 36 9.09 16.99 -30.26
N PRO B 37 7.90 17.47 -30.76
CA PRO B 37 7.40 16.97 -32.06
C PRO B 37 8.42 17.05 -33.20
N ASP B 38 9.08 18.22 -33.37
CA ASP B 38 10.10 18.47 -34.37
C ASP B 38 11.46 17.83 -34.02
N LEU B 39 11.91 17.92 -32.75
CA LEU B 39 13.20 17.33 -32.33
C LEU B 39 13.22 15.82 -32.49
N ILE B 40 12.11 15.14 -32.12
CA ILE B 40 11.98 13.68 -32.25
C ILE B 40 11.98 13.26 -33.73
N GLU B 41 11.04 13.81 -34.54
CA GLU B 41 10.89 13.51 -35.97
C GLU B 41 12.19 13.69 -36.77
N SER B 42 12.89 14.80 -36.56
CA SER B 42 14.16 15.11 -37.24
C SER B 42 15.36 14.31 -36.70
N GLY B 43 15.19 13.65 -35.56
CA GLY B 43 16.25 12.87 -34.94
C GLY B 43 17.33 13.67 -34.25
N GLN B 44 16.95 14.85 -33.69
CA GLN B 44 17.85 15.74 -32.97
C GLN B 44 17.73 15.54 -31.45
N LEU B 45 16.56 15.06 -30.99
CA LEU B 45 16.23 14.86 -29.58
C LEU B 45 17.32 14.16 -28.76
N ARG B 46 17.74 12.96 -29.17
CA ARG B 46 18.72 12.18 -28.41
C ARG B 46 20.06 12.89 -28.25
N GLU B 47 20.64 13.41 -29.36
CA GLU B 47 21.89 14.15 -29.32
C GLU B 47 21.77 15.38 -28.39
N ARG B 48 20.68 16.17 -28.52
CA ARG B 48 20.41 17.36 -27.70
C ARG B 48 20.42 17.06 -26.19
N VAL B 49 19.75 15.97 -25.77
CA VAL B 49 19.69 15.49 -24.38
C VAL B 49 21.09 15.02 -23.94
N GLU B 50 21.81 14.34 -24.85
CA GLU B 50 23.16 13.83 -24.59
C GLU B 50 24.21 14.93 -24.40
N LYS B 51 23.96 16.13 -24.97
CA LYS B 51 24.90 17.26 -24.94
C LYS B 51 24.64 18.27 -23.83
N LEU B 52 23.38 18.43 -23.41
CA LEU B 52 23.00 19.42 -22.40
C LEU B 52 23.79 19.26 -21.07
N ASN B 53 24.00 20.39 -20.37
CA ASN B 53 24.78 20.42 -19.13
C ASN B 53 23.94 20.14 -17.90
N MET B 54 24.60 19.67 -16.82
CA MET B 54 23.90 19.38 -15.56
C MET B 54 23.49 20.65 -14.84
N LEU B 55 22.18 20.83 -14.68
CA LEU B 55 21.59 21.99 -14.01
C LEU B 55 21.09 21.60 -12.62
N SER B 56 21.54 22.35 -11.59
CA SER B 56 21.16 22.17 -10.20
C SER B 56 19.65 22.44 -10.07
N ILE B 57 18.96 21.73 -9.17
CA ILE B 57 17.52 21.95 -8.97
C ILE B 57 17.24 23.02 -7.89
N ASP B 58 18.33 23.58 -7.31
CA ASP B 58 18.27 24.56 -6.23
C ASP B 58 17.67 25.93 -6.63
N HIS B 59 17.52 26.20 -7.94
CA HIS B 59 16.92 27.46 -8.39
C HIS B 59 15.39 27.35 -8.61
N LEU B 60 14.79 26.18 -8.29
CA LEU B 60 13.35 25.94 -8.37
C LEU B 60 12.82 26.16 -6.95
N THR B 61 12.51 27.43 -6.64
CA THR B 61 12.12 27.93 -5.32
C THR B 61 10.80 27.38 -4.78
N ASP B 62 9.71 27.38 -5.59
CA ASP B 62 8.37 26.96 -5.16
C ASP B 62 7.86 25.65 -5.78
N HIS B 63 6.71 25.16 -5.27
CA HIS B 63 6.03 23.93 -5.71
C HIS B 63 5.66 23.93 -7.19
N LYS B 64 5.00 25.00 -7.69
CA LYS B 64 4.56 25.13 -9.09
C LYS B 64 5.71 25.04 -10.11
N SER B 65 6.88 25.61 -9.79
CA SER B 65 8.06 25.57 -10.65
C SER B 65 8.69 24.17 -10.65
N GLN B 66 8.67 23.51 -9.48
CA GLN B 66 9.18 22.14 -9.29
C GLN B 66 8.32 21.18 -10.09
N ARG B 67 6.98 21.39 -10.08
CA ARG B 67 5.99 20.56 -10.78
C ARG B 67 6.09 20.74 -12.30
N LEU B 68 6.32 22.00 -12.75
CA LEU B 68 6.51 22.30 -14.16
C LEU B 68 7.81 21.65 -14.63
N ALA B 69 8.87 21.66 -13.79
CA ALA B 69 10.16 21.04 -14.10
C ALA B 69 10.04 19.52 -14.20
N ARG B 70 9.30 18.88 -13.27
CA ARG B 70 9.04 17.43 -13.28
C ARG B 70 8.35 17.05 -14.59
N LEU B 71 7.39 17.88 -15.03
CA LEU B 71 6.67 17.67 -16.28
C LEU B 71 7.62 17.79 -17.46
N VAL B 72 8.46 18.86 -17.46
CA VAL B 72 9.47 19.13 -18.48
C VAL B 72 10.42 17.93 -18.60
N LEU B 73 11.02 17.52 -17.46
CA LEU B 73 12.00 16.45 -17.38
C LEU B 73 11.42 15.10 -17.70
N GLY B 74 10.15 14.89 -17.31
CA GLY B 74 9.41 13.65 -17.55
C GLY B 74 9.14 13.42 -19.02
N CYS B 75 8.68 14.47 -19.74
CA CYS B 75 8.42 14.42 -21.18
C CYS B 75 9.72 14.18 -21.94
N ILE B 76 10.83 14.84 -21.53
CA ILE B 76 12.14 14.68 -22.16
C ILE B 76 12.63 13.23 -22.00
N THR B 77 12.46 12.67 -20.77
CA THR B 77 12.84 11.28 -20.43
C THR B 77 12.07 10.32 -21.34
N MET B 78 10.74 10.55 -21.53
CA MET B 78 9.91 9.69 -22.40
C MET B 78 10.37 9.78 -23.84
N ALA B 79 10.64 11.01 -24.32
CA ALA B 79 11.13 11.26 -25.66
C ALA B 79 12.46 10.56 -25.88
N TYR B 80 13.35 10.57 -24.86
CA TYR B 80 14.67 9.96 -24.94
C TYR B 80 14.61 8.44 -25.00
N VAL B 81 13.89 7.83 -24.06
CA VAL B 81 13.75 6.38 -23.95
C VAL B 81 13.05 5.79 -25.17
N TRP B 82 11.92 6.39 -25.57
CA TRP B 82 11.13 5.86 -26.68
C TRP B 82 11.58 6.32 -28.08
N GLY B 83 12.31 7.42 -28.16
CA GLY B 83 12.79 7.93 -29.44
C GLY B 83 11.62 8.29 -30.34
N LYS B 84 11.63 7.81 -31.59
CA LYS B 84 10.56 8.07 -32.55
C LYS B 84 9.33 7.21 -32.34
N GLY B 85 9.39 6.31 -31.36
CA GLY B 85 8.29 5.42 -31.03
C GLY B 85 8.24 4.22 -31.95
N HIS B 86 9.37 3.89 -32.60
CA HIS B 86 9.49 2.78 -33.55
C HIS B 86 10.04 1.47 -32.90
N GLY B 87 10.27 1.50 -31.59
CA GLY B 87 10.78 0.35 -30.85
C GLY B 87 12.27 0.34 -30.60
N ASP B 88 12.98 1.43 -30.98
CA ASP B 88 14.42 1.58 -30.69
C ASP B 88 14.47 2.28 -29.34
N VAL B 89 14.84 1.55 -28.29
CA VAL B 89 14.80 2.09 -26.94
C VAL B 89 16.18 2.33 -26.34
N ARG B 90 16.28 3.40 -25.56
CA ARG B 90 17.48 3.76 -24.84
C ARG B 90 17.33 3.16 -23.45
N LYS B 91 18.32 2.37 -23.03
CA LYS B 91 18.36 1.69 -21.74
C LYS B 91 19.02 2.52 -20.63
N VAL B 92 19.77 3.58 -21.02
CA VAL B 92 20.51 4.46 -20.10
C VAL B 92 20.10 5.94 -20.25
N LEU B 93 19.61 6.56 -19.17
CA LEU B 93 19.28 8.00 -19.20
C LEU B 93 20.54 8.80 -18.78
N PRO B 94 21.07 9.71 -19.63
CA PRO B 94 22.32 10.42 -19.30
C PRO B 94 22.29 11.20 -17.99
N ARG B 95 23.39 11.11 -17.20
CA ARG B 95 23.55 11.72 -15.88
C ARG B 95 23.13 13.18 -15.78
N ASN B 96 23.45 14.00 -16.80
CA ASN B 96 23.15 15.43 -16.85
C ASN B 96 21.63 15.72 -16.79
N ILE B 97 20.79 14.74 -17.19
CA ILE B 97 19.34 14.84 -17.11
C ILE B 97 18.80 13.91 -15.97
N ALA B 98 19.35 12.68 -15.84
CA ALA B 98 18.96 11.70 -14.82
C ALA B 98 19.15 12.16 -13.38
N VAL B 99 20.32 12.73 -13.05
CA VAL B 99 20.64 13.22 -11.70
C VAL B 99 19.63 14.33 -11.24
N PRO B 100 19.44 15.49 -11.95
CA PRO B 100 18.47 16.48 -11.46
C PRO B 100 17.01 16.01 -11.44
N TYR B 101 16.63 15.09 -12.35
CA TYR B 101 15.30 14.49 -12.41
C TYR B 101 15.03 13.70 -11.15
N CYS B 102 15.97 12.82 -10.76
CA CYS B 102 15.90 11.99 -9.56
C CYS B 102 15.86 12.83 -8.28
N GLN B 103 16.70 13.86 -8.21
CA GLN B 103 16.82 14.78 -7.06
C GLN B 103 15.52 15.53 -6.85
N LEU B 104 14.89 16.01 -7.95
CA LEU B 104 13.60 16.72 -7.96
C LEU B 104 12.49 15.75 -7.59
N SER B 105 12.52 14.54 -8.16
CA SER B 105 11.55 13.47 -7.89
C SER B 105 11.56 13.15 -6.40
N LYS B 106 12.76 12.94 -5.82
CA LYS B 106 12.94 12.68 -4.38
C LYS B 106 12.39 13.81 -3.51
N LYS B 107 12.57 15.06 -3.93
CA LYS B 107 12.09 16.25 -3.24
C LYS B 107 10.56 16.28 -3.24
N LEU B 108 9.94 15.97 -4.40
CA LEU B 108 8.49 15.97 -4.53
C LEU B 108 7.83 14.63 -4.12
N GLU B 109 8.66 13.66 -3.64
CA GLU B 109 8.26 12.31 -3.22
C GLU B 109 7.50 11.54 -4.32
N LEU B 110 7.95 11.69 -5.55
CA LEU B 110 7.36 11.03 -6.71
C LEU B 110 8.42 10.18 -7.41
N PRO B 111 8.06 9.08 -8.08
CA PRO B 111 9.10 8.30 -8.80
C PRO B 111 9.69 9.07 -9.99
N PRO B 112 10.94 8.78 -10.43
CA PRO B 112 11.50 9.53 -11.56
C PRO B 112 11.03 9.02 -12.92
N ILE B 113 9.72 9.15 -13.17
CA ILE B 113 9.03 8.79 -14.42
C ILE B 113 7.82 9.73 -14.57
N LEU B 114 7.42 10.02 -15.82
CA LEU B 114 6.24 10.84 -16.07
C LEU B 114 5.02 10.11 -15.45
N VAL B 115 4.30 10.83 -14.59
CA VAL B 115 3.10 10.32 -13.92
C VAL B 115 1.90 11.19 -14.31
N TYR B 116 0.68 10.72 -13.98
CA TYR B 116 -0.61 11.37 -14.20
C TYR B 116 -0.62 12.81 -13.67
N ALA B 117 -0.13 13.01 -12.42
CA ALA B 117 -0.04 14.30 -11.74
C ALA B 117 0.83 15.32 -12.48
N ASP B 118 1.73 14.86 -13.36
CA ASP B 118 2.57 15.75 -14.17
C ASP B 118 1.86 16.02 -15.49
N CYS B 119 1.68 14.96 -16.27
CA CYS B 119 1.16 14.95 -17.64
C CYS B 119 -0.28 15.37 -17.79
N VAL B 120 -1.08 15.30 -16.71
CA VAL B 120 -2.47 15.69 -16.76
C VAL B 120 -2.77 16.83 -15.77
N LEU B 121 -2.48 16.63 -14.48
CA LEU B 121 -2.80 17.59 -13.40
C LEU B 121 -2.00 18.87 -13.43
N ALA B 122 -0.79 18.87 -14.04
CA ALA B 122 0.05 20.08 -14.15
C ALA B 122 0.34 20.48 -15.61
N ASN B 123 -0.23 19.74 -16.58
CA ASN B 123 0.04 20.00 -17.99
C ASN B 123 -1.09 20.73 -18.71
N TRP B 124 -1.48 21.88 -18.19
CA TRP B 124 -2.57 22.63 -18.82
C TRP B 124 -2.53 24.13 -18.55
N LYS B 125 -3.33 24.88 -19.31
CA LYS B 125 -3.51 26.32 -19.18
C LYS B 125 -4.85 26.77 -19.72
N LYS B 126 -5.31 27.94 -19.29
CA LYS B 126 -6.52 28.57 -19.80
C LYS B 126 -6.06 29.53 -20.89
N LYS B 127 -6.69 29.49 -22.09
CA LYS B 127 -6.38 30.41 -23.20
C LYS B 127 -6.71 31.82 -22.73
N ASP B 128 -7.90 31.99 -22.12
CA ASP B 128 -8.40 33.24 -21.56
C ASP B 128 -8.68 33.00 -20.06
N PRO B 129 -7.99 33.72 -19.13
CA PRO B 129 -8.25 33.50 -17.69
C PRO B 129 -9.66 33.88 -17.22
N ASN B 130 -10.34 34.79 -17.95
CA ASN B 130 -11.68 35.27 -17.65
C ASN B 130 -12.82 34.39 -18.22
N LYS B 131 -12.47 33.26 -18.88
CA LYS B 131 -13.44 32.31 -19.43
C LYS B 131 -13.42 30.98 -18.63
N PRO B 132 -14.49 30.14 -18.64
CA PRO B 132 -14.44 28.93 -17.80
C PRO B 132 -13.58 27.79 -18.31
N LEU B 133 -13.36 26.78 -17.46
CA LEU B 133 -12.58 25.59 -17.74
C LEU B 133 -13.33 24.66 -18.71
N THR B 134 -13.39 25.06 -19.98
CA THR B 134 -14.02 24.30 -21.06
C THR B 134 -12.91 23.93 -22.03
N TYR B 135 -13.05 22.78 -22.73
CA TYR B 135 -12.05 22.33 -23.70
C TYR B 135 -11.66 23.45 -24.71
N GLU B 136 -12.65 24.22 -25.20
CA GLU B 136 -12.44 25.32 -26.14
C GLU B 136 -11.59 26.49 -25.55
N ASN B 137 -11.59 26.63 -24.21
CA ASN B 137 -10.83 27.68 -23.53
C ASN B 137 -9.52 27.12 -22.92
N MET B 138 -9.16 25.88 -23.29
CA MET B 138 -7.96 25.26 -22.71
C MET B 138 -6.98 24.73 -23.74
N ASP B 139 -5.76 24.46 -23.28
CA ASP B 139 -4.66 23.90 -24.03
C ASP B 139 -3.69 23.18 -23.08
N VAL B 140 -2.88 22.27 -23.63
CA VAL B 140 -1.85 21.53 -22.89
C VAL B 140 -0.54 22.32 -22.96
N LEU B 141 0.39 22.08 -22.04
CA LEU B 141 1.66 22.79 -22.10
C LEU B 141 2.64 22.02 -23.00
N PHE B 142 2.61 20.67 -22.92
CA PHE B 142 3.50 19.81 -23.69
C PHE B 142 2.79 18.65 -24.41
N SER B 143 3.30 18.35 -25.61
CA SER B 143 2.88 17.29 -26.53
C SER B 143 4.15 16.50 -26.88
N PHE B 144 3.99 15.26 -27.38
CA PHE B 144 5.15 14.46 -27.77
C PHE B 144 5.43 14.51 -29.28
N ARG B 145 4.38 14.31 -30.11
CA ARG B 145 4.48 14.27 -31.56
C ARG B 145 3.32 14.97 -32.24
N ASP B 146 3.50 15.38 -33.51
CA ASP B 146 2.42 15.99 -34.28
C ASP B 146 1.37 14.90 -34.55
N GLY B 147 0.11 15.24 -34.34
CA GLY B 147 -1.01 14.33 -34.50
C GLY B 147 -1.14 13.22 -33.47
N ASP B 148 -0.45 13.35 -32.30
CA ASP B 148 -0.48 12.35 -31.22
C ASP B 148 -1.77 12.39 -30.36
N CYS B 149 -2.65 13.41 -30.59
CA CYS B 149 -3.91 13.62 -29.87
C CYS B 149 -3.72 13.80 -28.34
N SER B 150 -2.52 14.25 -27.92
CA SER B 150 -2.17 14.53 -26.54
C SER B 150 -3.05 15.61 -25.95
N LYS B 151 -3.39 16.65 -26.73
CA LYS B 151 -4.27 17.72 -26.22
C LYS B 151 -5.64 17.15 -25.79
N GLY B 152 -6.28 16.42 -26.70
CA GLY B 152 -7.58 15.79 -26.47
C GLY B 152 -7.55 14.77 -25.36
N PHE B 153 -6.51 13.91 -25.35
CA PHE B 153 -6.40 12.88 -24.32
C PHE B 153 -6.15 13.46 -22.92
N PHE B 154 -5.20 14.40 -22.78
CA PHE B 154 -4.88 14.99 -21.48
C PHE B 154 -5.97 15.93 -20.97
N LEU B 155 -6.57 16.74 -21.84
CA LEU B 155 -7.62 17.67 -21.40
C LEU B 155 -8.93 16.97 -21.05
N VAL B 156 -9.31 15.89 -21.76
CA VAL B 156 -10.54 15.17 -21.42
C VAL B 156 -10.33 14.42 -20.09
N SER B 157 -9.14 13.78 -19.89
CA SER B 157 -8.78 13.13 -18.62
C SER B 157 -8.90 14.17 -17.50
N LEU B 158 -8.37 15.39 -17.73
CA LEU B 158 -8.39 16.50 -16.79
C LEU B 158 -9.79 17.05 -16.53
N LEU B 159 -10.62 17.18 -17.57
CA LEU B 159 -11.99 17.70 -17.43
C LEU B 159 -12.89 16.74 -16.63
N VAL B 160 -12.60 15.43 -16.71
CA VAL B 160 -13.26 14.40 -15.93
C VAL B 160 -12.79 14.54 -14.46
N GLU B 161 -11.47 14.81 -14.22
CA GLU B 161 -10.93 15.04 -12.86
C GLU B 161 -11.65 16.19 -12.20
N ILE B 162 -11.83 17.30 -12.94
CA ILE B 162 -12.48 18.52 -12.46
C ILE B 162 -13.97 18.28 -12.15
N ALA B 163 -14.70 17.63 -13.08
CA ALA B 163 -16.13 17.32 -12.92
C ALA B 163 -16.36 16.47 -11.68
N ALA B 164 -15.48 15.47 -11.47
CA ALA B 164 -15.54 14.56 -10.32
C ALA B 164 -15.10 15.28 -9.03
N ALA B 165 -14.27 16.32 -9.17
CA ALA B 165 -13.77 17.13 -8.06
C ALA B 165 -14.85 17.95 -7.35
N SER B 166 -15.96 18.28 -8.04
CA SER B 166 -17.06 19.03 -7.42
C SER B 166 -17.78 18.20 -6.33
N ALA B 167 -17.54 16.88 -6.31
CA ALA B 167 -18.11 15.94 -5.34
C ALA B 167 -17.19 15.76 -4.12
N ILE B 168 -15.88 16.10 -4.26
CA ILE B 168 -14.89 15.97 -3.19
C ILE B 168 -15.16 16.95 -2.04
N LYS B 169 -15.65 18.17 -2.36
CA LYS B 169 -15.95 19.18 -1.35
C LYS B 169 -17.11 18.77 -0.42
N VAL B 170 -17.89 17.75 -0.85
CA VAL B 170 -19.03 17.20 -0.13
C VAL B 170 -18.56 16.16 0.91
N ILE B 171 -17.37 15.53 0.70
CA ILE B 171 -16.81 14.50 1.58
C ILE B 171 -16.78 14.96 3.06
N PRO B 172 -16.28 16.17 3.44
CA PRO B 172 -16.36 16.56 4.86
C PRO B 172 -17.79 16.55 5.42
N THR B 173 -18.79 16.95 4.61
CA THR B 173 -20.21 16.99 4.98
C THR B 173 -20.72 15.58 5.34
N VAL B 174 -20.32 14.58 4.55
CA VAL B 174 -20.68 13.17 4.71
C VAL B 174 -20.25 12.66 6.10
N PHE B 175 -18.95 12.79 6.44
CA PHE B 175 -18.43 12.30 7.72
C PHE B 175 -18.95 13.08 8.90
N LYS B 176 -19.19 14.38 8.73
CA LYS B 176 -19.76 15.20 9.80
C LYS B 176 -21.22 14.77 10.07
N ALA B 177 -22.02 14.55 8.99
CA ALA B 177 -23.43 14.11 9.09
C ALA B 177 -23.56 12.75 9.79
N MET B 178 -22.62 11.83 9.57
CA MET B 178 -22.60 10.52 10.22
C MET B 178 -22.33 10.67 11.75
N GLN B 179 -21.23 11.35 12.09
CA GLN B 179 -20.75 11.64 13.44
C GLN B 179 -21.84 12.35 14.27
N MET B 180 -22.46 13.38 13.69
CA MET B 180 -23.50 14.23 14.30
C MET B 180 -24.90 13.64 14.15
N GLN B 181 -25.01 12.44 13.52
CA GLN B 181 -26.27 11.72 13.29
C GLN B 181 -27.33 12.60 12.62
N GLU B 182 -26.95 13.28 11.53
CA GLU B 182 -27.80 14.17 10.71
C GLU B 182 -28.14 13.45 9.41
N ARG B 183 -29.20 12.63 9.46
CA ARG B 183 -29.68 11.80 8.34
C ARG B 183 -30.01 12.60 7.07
N ASP B 184 -30.80 13.68 7.20
CA ASP B 184 -31.19 14.51 6.04
C ASP B 184 -29.99 15.15 5.32
N THR B 185 -28.98 15.58 6.10
CA THR B 185 -27.74 16.18 5.60
C THR B 185 -26.97 15.10 4.82
N LEU B 186 -26.87 13.89 5.40
CA LEU B 186 -26.18 12.76 4.77
C LEU B 186 -26.82 12.38 3.45
N LEU B 187 -28.15 12.26 3.41
CA LEU B 187 -28.88 11.90 2.21
C LEU B 187 -28.58 12.92 1.08
N LYS B 188 -28.69 14.22 1.40
CA LYS B 188 -28.44 15.35 0.51
C LYS B 188 -27.01 15.28 -0.04
N ALA B 189 -26.04 15.04 0.86
CA ALA B 189 -24.62 14.90 0.55
C ALA B 189 -24.38 13.75 -0.45
N LEU B 190 -24.99 12.57 -0.21
CA LEU B 190 -24.88 11.40 -1.08
C LEU B 190 -25.56 11.65 -2.45
N LEU B 191 -26.74 12.31 -2.50
CA LEU B 191 -27.39 12.61 -3.77
C LEU B 191 -26.56 13.57 -4.60
N GLU B 192 -25.88 14.52 -3.93
CA GLU B 192 -24.99 15.48 -4.56
C GLU B 192 -23.76 14.80 -5.16
N ILE B 193 -23.11 13.89 -4.41
CA ILE B 193 -21.95 13.12 -4.89
C ILE B 193 -22.34 12.35 -6.16
N ALA B 194 -23.50 11.67 -6.12
CA ALA B 194 -24.05 10.91 -7.25
C ALA B 194 -24.27 11.82 -8.46
N SER B 195 -24.82 13.03 -8.24
CA SER B 195 -25.08 14.05 -9.29
C SER B 195 -23.80 14.42 -10.01
N CYS B 196 -22.71 14.66 -9.26
CA CYS B 196 -21.42 15.02 -9.84
C CYS B 196 -20.78 13.87 -10.62
N LEU B 197 -20.93 12.63 -10.15
CA LEU B 197 -20.36 11.47 -10.85
C LEU B 197 -21.15 11.11 -12.11
N GLU B 198 -22.45 11.49 -12.15
CA GLU B 198 -23.33 11.32 -13.30
C GLU B 198 -22.96 12.36 -14.36
N LYS B 199 -22.66 13.60 -13.91
CA LYS B 199 -22.24 14.73 -14.76
C LYS B 199 -20.86 14.49 -15.37
N ALA B 200 -19.95 13.82 -14.62
CA ALA B 200 -18.59 13.49 -15.05
C ALA B 200 -18.58 12.54 -16.25
N LEU B 201 -19.61 11.69 -16.36
CA LEU B 201 -19.79 10.72 -17.45
C LEU B 201 -20.05 11.44 -18.78
N GLN B 202 -20.87 12.51 -18.74
CA GLN B 202 -21.19 13.34 -19.89
C GLN B 202 -19.93 14.03 -20.42
N VAL B 203 -19.02 14.41 -19.50
CA VAL B 203 -17.73 15.04 -19.79
C VAL B 203 -16.83 14.07 -20.59
N PHE B 204 -16.88 12.76 -20.26
CA PHE B 204 -16.11 11.69 -20.91
C PHE B 204 -16.47 11.52 -22.40
N HIS B 205 -17.70 11.91 -22.83
CA HIS B 205 -18.17 11.82 -24.23
C HIS B 205 -17.25 12.59 -25.20
N GLN B 206 -16.59 13.68 -24.70
CA GLN B 206 -15.68 14.55 -25.46
C GLN B 206 -14.49 13.83 -26.07
N ILE B 207 -14.07 12.69 -25.48
CA ILE B 207 -12.94 11.87 -25.94
C ILE B 207 -13.06 11.46 -27.42
N HIS B 208 -14.30 11.29 -27.90
CA HIS B 208 -14.56 10.88 -29.28
C HIS B 208 -14.32 12.01 -30.26
N ASP B 209 -14.57 13.26 -29.84
CA ASP B 209 -14.40 14.45 -30.67
C ASP B 209 -12.95 14.89 -30.84
N HIS B 210 -12.11 14.64 -29.82
CA HIS B 210 -10.74 15.15 -29.80
C HIS B 210 -9.66 14.09 -29.90
N VAL B 211 -10.01 12.82 -29.79
CA VAL B 211 -9.03 11.74 -29.86
C VAL B 211 -9.39 10.80 -30.97
N ASN B 212 -8.39 10.48 -31.81
CA ASN B 212 -8.45 9.56 -32.93
C ASN B 212 -7.85 8.21 -32.47
N PRO B 213 -8.55 7.06 -32.64
CA PRO B 213 -8.03 5.77 -32.15
C PRO B 213 -6.66 5.32 -32.68
N LYS B 214 -6.41 5.46 -33.99
CA LYS B 214 -5.15 5.08 -34.65
C LYS B 214 -3.95 5.88 -34.11
N ALA B 215 -4.10 7.21 -34.04
CA ALA B 215 -3.09 8.14 -33.54
C ALA B 215 -2.81 7.91 -32.07
N PHE B 216 -3.87 7.70 -31.25
CA PHE B 216 -3.74 7.42 -29.84
C PHE B 216 -3.04 6.07 -29.59
N PHE B 217 -3.49 5.00 -30.26
CA PHE B 217 -2.91 3.67 -30.06
C PHE B 217 -1.48 3.52 -30.55
N SER B 218 -1.19 3.96 -31.79
CA SER B 218 0.14 3.75 -32.35
C SER B 218 1.17 4.86 -32.00
N VAL B 219 0.72 6.00 -31.46
CA VAL B 219 1.67 7.08 -31.18
C VAL B 219 1.69 7.43 -29.70
N LEU B 220 0.61 8.06 -29.19
CA LEU B 220 0.55 8.56 -27.83
C LEU B 220 0.84 7.53 -26.76
N ARG B 221 0.25 6.32 -26.87
CA ARG B 221 0.43 5.24 -25.90
C ARG B 221 1.90 4.85 -25.71
N ILE B 222 2.68 4.91 -26.80
CA ILE B 222 4.12 4.57 -26.80
C ILE B 222 4.88 5.47 -25.84
N TYR B 223 4.56 6.77 -25.84
CA TYR B 223 5.24 7.76 -25.01
C TYR B 223 4.78 7.77 -23.56
N LEU B 224 3.58 7.23 -23.26
CA LEU B 224 3.08 7.19 -21.88
C LEU B 224 3.49 5.90 -21.17
N SER B 225 4.09 4.95 -21.91
CA SER B 225 4.50 3.65 -21.37
C SER B 225 5.72 3.74 -20.45
N GLY B 226 5.86 2.77 -19.56
CA GLY B 226 6.95 2.73 -18.58
C GLY B 226 7.91 1.58 -18.73
N TRP B 227 8.67 1.33 -17.65
CA TRP B 227 9.69 0.30 -17.61
C TRP B 227 9.61 -0.60 -16.36
N LYS B 228 8.39 -1.00 -15.98
CA LYS B 228 8.13 -1.96 -14.90
C LYS B 228 7.29 -3.06 -15.53
N GLY B 229 7.90 -4.23 -15.69
CA GLY B 229 7.26 -5.37 -16.34
C GLY B 229 7.09 -5.10 -17.83
N ASN B 230 8.04 -4.37 -18.43
CA ASN B 230 7.96 -4.06 -19.85
C ASN B 230 9.01 -4.89 -20.56
N PRO B 231 8.61 -5.78 -21.52
CA PRO B 231 9.63 -6.60 -22.23
C PRO B 231 10.68 -5.78 -22.98
N GLN B 232 10.34 -4.52 -23.37
CA GLN B 232 11.23 -3.59 -24.07
C GLN B 232 12.36 -3.11 -23.14
N LEU B 233 12.06 -2.98 -21.83
CA LEU B 233 13.03 -2.58 -20.79
C LEU B 233 12.85 -3.50 -19.59
N SER B 234 13.08 -4.81 -19.84
CA SER B 234 12.93 -5.94 -18.90
C SER B 234 13.42 -5.67 -17.48
N ASP B 235 14.60 -5.06 -17.33
CA ASP B 235 15.23 -4.75 -16.05
C ASP B 235 15.05 -3.30 -15.58
N GLY B 236 14.29 -2.51 -16.33
CA GLY B 236 14.07 -1.09 -16.04
C GLY B 236 15.07 -0.19 -16.74
N LEU B 237 15.16 1.07 -16.28
CA LEU B 237 16.03 2.10 -16.87
C LEU B 237 17.18 2.46 -15.94
N VAL B 238 18.39 2.66 -16.50
CA VAL B 238 19.57 3.10 -15.74
C VAL B 238 19.53 4.63 -15.62
N TYR B 239 19.40 5.13 -14.39
CA TYR B 239 19.43 6.56 -14.08
C TYR B 239 20.89 6.86 -13.77
N GLU B 240 21.69 7.09 -14.83
CA GLU B 240 23.13 7.36 -14.77
C GLU B 240 23.50 8.45 -13.77
N GLY B 241 24.48 8.17 -12.92
CA GLY B 241 24.96 9.10 -11.90
C GLY B 241 24.14 9.11 -10.62
N PHE B 242 22.93 8.49 -10.64
CA PHE B 242 22.08 8.45 -9.46
C PHE B 242 22.04 7.06 -8.82
N TRP B 243 21.68 6.03 -9.61
CA TRP B 243 21.66 4.65 -9.17
C TRP B 243 22.53 3.82 -10.09
N GLU B 244 23.25 2.83 -9.53
CA GLU B 244 24.14 1.95 -10.29
C GLU B 244 23.35 0.99 -11.18
N ASP B 245 22.33 0.33 -10.60
CA ASP B 245 21.49 -0.67 -11.23
C ASP B 245 20.23 -0.08 -11.86
N PRO B 246 19.71 -0.68 -12.97
CA PRO B 246 18.47 -0.15 -13.56
C PRO B 246 17.27 -0.27 -12.63
N LYS B 247 16.35 0.70 -12.72
CA LYS B 247 15.18 0.73 -11.87
C LYS B 247 13.89 0.70 -12.64
N GLU B 248 12.95 -0.11 -12.14
CA GLU B 248 11.63 -0.32 -12.70
C GLU B 248 10.60 0.62 -12.09
N PHE B 249 9.92 1.39 -12.97
CA PHE B 249 8.83 2.31 -12.66
C PHE B 249 7.76 2.20 -13.73
N ALA B 250 6.51 2.08 -13.28
CA ALA B 250 5.35 1.91 -14.14
C ALA B 250 5.03 3.19 -14.90
N GLY B 251 4.56 3.03 -16.14
CA GLY B 251 4.11 4.11 -16.98
C GLY B 251 2.84 4.78 -16.47
N GLY B 252 2.50 5.91 -17.07
CA GLY B 252 1.32 6.66 -16.64
C GLY B 252 0.00 6.03 -16.99
N SER B 253 -0.99 6.16 -16.09
CA SER B 253 -2.36 5.68 -16.24
C SER B 253 -3.20 6.40 -15.21
N ALA B 254 -4.52 6.51 -15.45
CA ALA B 254 -5.36 7.19 -14.46
C ALA B 254 -5.68 6.31 -13.23
N GLY B 255 -4.92 5.22 -13.08
CA GLY B 255 -4.93 4.37 -11.90
C GLY B 255 -4.18 5.15 -10.84
N GLN B 256 -3.44 6.17 -11.31
CA GLN B 256 -2.70 7.17 -10.55
C GLN B 256 -3.62 8.34 -10.21
N SER B 257 -4.85 8.35 -10.73
CA SER B 257 -5.83 9.40 -10.40
C SER B 257 -6.30 9.18 -8.97
N SER B 258 -6.28 10.22 -8.15
CA SER B 258 -6.72 10.14 -6.76
C SER B 258 -8.24 10.25 -6.64
N VAL B 259 -8.90 10.93 -7.61
CA VAL B 259 -10.34 11.17 -7.59
C VAL B 259 -11.17 9.87 -7.67
N PHE B 260 -10.79 8.90 -8.52
CA PHE B 260 -11.50 7.62 -8.62
C PHE B 260 -11.24 6.70 -7.43
N GLN B 261 -9.98 6.67 -6.97
CA GLN B 261 -9.54 5.90 -5.81
C GLN B 261 -10.22 6.43 -4.52
N CYS B 262 -10.53 7.73 -4.47
CA CYS B 262 -11.15 8.33 -3.29
C CYS B 262 -12.67 8.02 -3.22
N PHE B 263 -13.37 7.82 -4.34
CA PHE B 263 -14.78 7.45 -4.29
C PHE B 263 -14.95 5.99 -3.94
N ASP B 264 -14.00 5.14 -4.36
CA ASP B 264 -13.99 3.74 -3.96
C ASP B 264 -13.86 3.66 -2.44
N VAL B 265 -12.90 4.40 -1.85
CA VAL B 265 -12.63 4.46 -0.40
C VAL B 265 -13.84 5.05 0.31
N LEU B 266 -14.35 6.20 -0.16
CA LEU B 266 -15.53 6.85 0.45
C LEU B 266 -16.74 5.92 0.60
N LEU B 267 -17.03 5.16 -0.46
CA LEU B 267 -18.16 4.25 -0.51
C LEU B 267 -17.86 2.84 0.00
N GLY B 268 -16.65 2.62 0.52
CA GLY B 268 -16.25 1.33 1.09
C GLY B 268 -16.21 0.19 0.10
N ILE B 269 -15.77 0.46 -1.14
CA ILE B 269 -15.69 -0.51 -2.23
C ILE B 269 -14.53 -1.51 -2.02
N GLN B 270 -13.44 -1.09 -1.36
CA GLN B 270 -12.29 -1.96 -1.03
C GLN B 270 -11.63 -2.53 -2.29
N GLN B 271 -11.16 -1.64 -3.16
CA GLN B 271 -10.49 -2.04 -4.40
C GLN B 271 -9.10 -2.62 -4.13
N THR B 272 -8.49 -2.23 -2.99
CA THR B 272 -7.12 -2.57 -2.57
C THR B 272 -7.04 -3.82 -1.67
N ALA B 273 -8.19 -4.48 -1.41
CA ALA B 273 -8.21 -5.70 -0.60
C ALA B 273 -8.18 -6.97 -1.45
N GLY B 274 -7.85 -8.10 -0.82
CA GLY B 274 -7.90 -9.41 -1.46
C GLY B 274 -6.63 -10.01 -2.00
N GLY B 275 -5.63 -9.17 -2.24
CA GLY B 275 -4.32 -9.60 -2.72
C GLY B 275 -4.14 -9.85 -4.22
N GLY B 276 -5.19 -9.64 -5.02
CA GLY B 276 -5.11 -9.84 -6.47
C GLY B 276 -4.28 -8.78 -7.19
N HIS B 277 -4.01 -9.00 -8.50
CA HIS B 277 -3.26 -8.09 -9.38
C HIS B 277 -3.83 -6.65 -9.38
N ALA B 278 -5.17 -6.50 -9.39
CA ALA B 278 -5.85 -5.19 -9.43
C ALA B 278 -5.69 -4.39 -8.13
N ALA B 279 -5.88 -5.07 -6.99
CA ALA B 279 -5.72 -4.52 -5.64
C ALA B 279 -4.28 -4.02 -5.47
N GLN B 280 -3.30 -4.84 -5.90
CA GLN B 280 -1.85 -4.56 -5.88
C GLN B 280 -1.51 -3.33 -6.72
N PHE B 281 -1.98 -3.30 -7.98
CA PHE B 281 -1.73 -2.19 -8.89
C PHE B 281 -2.31 -0.88 -8.35
N LEU B 282 -3.55 -0.89 -7.86
CA LEU B 282 -4.18 0.31 -7.34
C LEU B 282 -3.50 0.83 -6.08
N GLN B 283 -2.97 -0.09 -5.24
CA GLN B 283 -2.23 0.28 -4.04
C GLN B 283 -0.89 0.87 -4.44
N ASP B 284 -0.16 0.22 -5.38
CA ASP B 284 1.17 0.68 -5.84
C ASP B 284 1.11 2.05 -6.49
N MET B 285 0.02 2.35 -7.22
CA MET B 285 -0.16 3.63 -7.90
C MET B 285 -0.27 4.82 -6.95
N ARG B 286 -0.52 4.58 -5.67
CA ARG B 286 -0.60 5.64 -4.66
C ARG B 286 0.77 6.27 -4.44
N ARG B 287 1.85 5.50 -4.65
CA ARG B 287 3.23 6.01 -4.52
C ARG B 287 3.61 6.89 -5.73
N TYR B 288 2.76 6.88 -6.78
CA TYR B 288 2.91 7.65 -8.03
C TYR B 288 2.02 8.93 -7.99
N MET B 289 1.37 9.18 -6.84
CA MET B 289 0.50 10.34 -6.60
C MET B 289 1.22 11.35 -5.71
N PRO B 290 0.91 12.67 -5.79
CA PRO B 290 1.56 13.63 -4.87
C PRO B 290 1.35 13.21 -3.41
N PRO B 291 2.36 13.34 -2.53
CA PRO B 291 2.19 12.85 -1.14
C PRO B 291 0.94 13.34 -0.41
N ALA B 292 0.53 14.61 -0.58
CA ALA B 292 -0.67 15.17 0.06
C ALA B 292 -1.95 14.46 -0.41
N HIS B 293 -1.93 13.91 -1.63
CA HIS B 293 -3.06 13.16 -2.20
C HIS B 293 -3.08 11.74 -1.65
N ARG B 294 -1.88 11.16 -1.49
CA ARG B 294 -1.61 9.86 -0.90
C ARG B 294 -2.10 9.92 0.57
N ASN B 295 -1.82 11.05 1.26
CA ASN B 295 -2.23 11.31 2.64
C ASN B 295 -3.75 11.42 2.76
N PHE B 296 -4.40 12.07 1.76
CA PHE B 296 -5.86 12.22 1.75
C PHE B 296 -6.55 10.85 1.70
N LEU B 297 -6.06 9.95 0.82
CA LEU B 297 -6.59 8.60 0.67
C LEU B 297 -6.45 7.81 1.95
N CYS B 298 -5.37 8.05 2.73
CA CYS B 298 -5.11 7.44 4.04
C CYS B 298 -6.16 7.94 5.04
N SER B 299 -6.41 9.27 5.04
CA SER B 299 -7.38 9.94 5.91
C SER B 299 -8.79 9.39 5.68
N LEU B 300 -9.18 9.20 4.41
CA LEU B 300 -10.49 8.66 4.05
C LEU B 300 -10.71 7.24 4.56
N GLU B 301 -9.66 6.39 4.44
CA GLU B 301 -9.65 4.99 4.87
C GLU B 301 -9.80 4.88 6.37
N SER B 302 -9.27 5.86 7.10
CA SER B 302 -9.29 5.92 8.56
C SER B 302 -10.64 6.31 9.12
N ASN B 303 -11.46 7.02 8.34
CA ASN B 303 -12.79 7.47 8.74
C ASN B 303 -13.77 6.32 8.85
N PRO B 304 -14.80 6.42 9.73
CA PRO B 304 -15.80 5.33 9.77
C PRO B 304 -16.51 5.12 8.42
N SER B 305 -16.89 3.86 8.14
CA SER B 305 -17.50 3.42 6.88
C SER B 305 -18.87 4.03 6.62
N VAL B 306 -19.02 4.70 5.46
CA VAL B 306 -20.27 5.31 4.99
C VAL B 306 -21.24 4.15 4.71
N ARG B 307 -20.72 3.12 4.03
CA ARG B 307 -21.42 1.91 3.64
C ARG B 307 -22.02 1.19 4.84
N GLU B 308 -21.22 1.02 5.92
CA GLU B 308 -21.71 0.34 7.12
C GLU B 308 -22.80 1.13 7.79
N PHE B 309 -22.64 2.47 7.85
CA PHE B 309 -23.63 3.37 8.45
C PHE B 309 -24.97 3.25 7.68
N VAL B 310 -24.94 3.32 6.34
CA VAL B 310 -26.11 3.22 5.47
C VAL B 310 -26.83 1.87 5.65
N LEU B 311 -26.06 0.77 5.66
CA LEU B 311 -26.57 -0.60 5.82
C LEU B 311 -27.25 -0.85 7.16
N SER B 312 -26.86 -0.11 8.20
CA SER B 312 -27.37 -0.27 9.55
C SER B 312 -28.59 0.61 9.92
N LYS B 313 -29.12 1.42 8.98
CA LYS B 313 -30.20 2.35 9.30
C LYS B 313 -31.60 1.96 8.80
N GLY B 314 -31.70 0.91 7.97
CA GLY B 314 -32.98 0.44 7.42
C GLY B 314 -33.80 1.56 6.80
N ASP B 315 -33.11 2.40 6.03
CA ASP B 315 -33.57 3.62 5.39
C ASP B 315 -33.46 3.49 3.86
N ALA B 316 -34.59 3.27 3.16
CA ALA B 316 -34.60 3.13 1.69
C ALA B 316 -33.99 4.37 0.97
N GLY B 317 -34.28 5.58 1.48
CA GLY B 317 -33.74 6.83 0.97
C GLY B 317 -32.23 6.88 0.99
N LEU B 318 -31.62 6.53 2.13
CA LEU B 318 -30.16 6.49 2.29
C LEU B 318 -29.53 5.42 1.43
N ARG B 319 -30.16 4.23 1.39
CA ARG B 319 -29.67 3.10 0.59
C ARG B 319 -29.68 3.45 -0.89
N GLU B 320 -30.81 4.04 -1.38
CA GLU B 320 -30.97 4.48 -2.78
C GLU B 320 -29.98 5.56 -3.17
N ALA B 321 -29.65 6.47 -2.23
CA ALA B 321 -28.67 7.55 -2.47
C ALA B 321 -27.26 6.97 -2.54
N TYR B 322 -26.93 6.04 -1.62
CA TYR B 322 -25.64 5.35 -1.59
C TYR B 322 -25.49 4.58 -2.92
N ASP B 323 -26.52 3.80 -3.31
CA ASP B 323 -26.54 3.00 -4.52
C ASP B 323 -26.43 3.82 -5.79
N ALA B 324 -26.93 5.08 -5.76
CA ALA B 324 -26.84 5.98 -6.90
C ALA B 324 -25.39 6.38 -7.13
N CYS B 325 -24.59 6.49 -6.03
CA CYS B 325 -23.16 6.80 -6.06
C CYS B 325 -22.38 5.61 -6.66
N VAL B 326 -22.69 4.38 -6.20
CA VAL B 326 -22.06 3.15 -6.70
C VAL B 326 -22.40 2.97 -8.17
N LYS B 327 -23.68 3.16 -8.56
CA LYS B 327 -24.14 3.04 -9.95
C LYS B 327 -23.40 4.01 -10.86
N ALA B 328 -23.23 5.26 -10.43
CA ALA B 328 -22.53 6.31 -11.18
C ALA B 328 -21.09 5.91 -11.44
N LEU B 329 -20.42 5.25 -10.45
CA LEU B 329 -19.06 4.77 -10.65
C LEU B 329 -19.05 3.62 -11.64
N VAL B 330 -20.04 2.70 -11.55
CA VAL B 330 -20.19 1.56 -12.48
C VAL B 330 -20.37 2.10 -13.92
N SER B 331 -21.23 3.13 -14.10
CA SER B 331 -21.51 3.77 -15.40
C SER B 331 -20.26 4.37 -16.01
N LEU B 332 -19.43 5.04 -15.17
CA LEU B 332 -18.15 5.62 -15.60
C LEU B 332 -17.19 4.52 -16.07
N ARG B 333 -17.08 3.45 -15.30
CA ARG B 333 -16.21 2.32 -15.61
C ARG B 333 -16.68 1.50 -16.81
N SER B 334 -18.00 1.40 -17.04
CA SER B 334 -18.51 0.67 -18.21
C SER B 334 -18.25 1.48 -19.47
N TYR B 335 -18.47 2.82 -19.40
CA TYR B 335 -18.22 3.75 -20.52
C TYR B 335 -16.74 3.70 -20.86
N HIS B 336 -15.88 3.70 -19.83
CA HIS B 336 -14.43 3.59 -19.95
C HIS B 336 -14.04 2.30 -20.70
N LEU B 337 -14.69 1.17 -20.38
CA LEU B 337 -14.46 -0.09 -21.07
C LEU B 337 -14.84 -0.04 -22.55
N GLN B 338 -15.93 0.65 -22.91
CA GLN B 338 -16.34 0.84 -24.32
C GLN B 338 -15.29 1.67 -25.07
N ILE B 339 -14.71 2.67 -24.39
CA ILE B 339 -13.64 3.51 -24.94
C ILE B 339 -12.39 2.69 -25.20
N VAL B 340 -12.04 1.79 -24.29
CA VAL B 340 -10.88 0.92 -24.40
C VAL B 340 -11.02 -0.02 -25.61
N THR B 341 -12.22 -0.58 -25.86
CA THR B 341 -12.39 -1.46 -27.03
C THR B 341 -12.18 -0.66 -28.34
N LYS B 342 -12.66 0.61 -28.37
CA LYS B 342 -12.52 1.51 -29.51
C LYS B 342 -11.11 2.03 -29.71
N TYR B 343 -10.41 2.41 -28.63
CA TYR B 343 -9.09 3.04 -28.69
C TYR B 343 -7.90 2.09 -28.55
N ILE B 344 -8.13 0.85 -28.10
CA ILE B 344 -7.03 -0.10 -27.90
C ILE B 344 -7.25 -1.39 -28.65
N LEU B 345 -8.36 -2.09 -28.33
CA LEU B 345 -8.69 -3.39 -28.87
C LEU B 345 -8.84 -3.43 -30.38
N ILE B 346 -9.69 -2.55 -30.95
CA ILE B 346 -9.88 -2.49 -32.39
C ILE B 346 -8.58 -1.99 -33.07
N PRO B 347 -7.90 -0.87 -32.67
CA PRO B 347 -6.62 -0.53 -33.35
C PRO B 347 -5.55 -1.63 -33.29
N ALA B 348 -5.43 -2.36 -32.14
CA ALA B 348 -4.50 -3.49 -31.97
C ALA B 348 -4.81 -4.62 -32.95
N SER B 349 -6.10 -4.86 -33.23
CA SER B 349 -6.54 -5.88 -34.18
C SER B 349 -6.19 -5.49 -35.64
N GLN B 350 -6.15 -4.16 -35.94
CA GLN B 350 -5.88 -3.58 -37.26
C GLN B 350 -4.40 -3.55 -37.63
N GLN B 351 -3.52 -3.68 -36.63
CA GLN B 351 -2.06 -3.70 -36.76
C GLN B 351 -1.55 -5.02 -37.33
N PRO B 352 -0.54 -5.01 -38.25
CA PRO B 352 -0.01 -6.29 -38.76
C PRO B 352 1.06 -6.88 -37.83
N LEU B 364 -1.17 -13.94 -25.32
CA LEU B 364 -0.60 -12.79 -24.63
C LEU B 364 -1.61 -11.63 -24.54
N GLU B 365 -2.09 -11.33 -23.32
CA GLU B 365 -3.08 -10.29 -23.04
C GLU B 365 -2.57 -8.86 -23.33
N ALA B 366 -3.45 -7.98 -23.84
CA ALA B 366 -3.14 -6.59 -24.15
C ALA B 366 -2.81 -5.86 -22.84
N LYS B 367 -1.74 -5.07 -22.87
CA LYS B 367 -1.19 -4.32 -21.74
C LYS B 367 -1.46 -2.81 -21.77
N GLY B 368 -1.85 -2.27 -20.61
CA GLY B 368 -2.07 -0.83 -20.46
C GLY B 368 -0.74 -0.11 -20.33
N THR B 369 -0.75 1.23 -20.49
CA THR B 369 0.46 2.05 -20.32
C THR B 369 0.98 1.98 -18.86
N GLY B 370 0.09 1.70 -17.91
CA GLY B 370 0.41 1.48 -16.50
C GLY B 370 1.00 0.10 -16.21
N GLY B 371 0.97 -0.78 -17.22
CA GLY B 371 1.49 -2.13 -17.16
C GLY B 371 0.56 -3.23 -16.71
N THR B 372 -0.76 -2.95 -16.60
CA THR B 372 -1.73 -3.97 -16.17
C THR B 372 -2.16 -4.84 -17.35
N ASP B 373 -2.72 -6.03 -17.04
CA ASP B 373 -3.40 -6.89 -18.01
C ASP B 373 -4.78 -6.22 -18.09
N LEU B 374 -4.82 -5.15 -18.88
CA LEU B 374 -5.86 -4.18 -19.21
C LEU B 374 -7.33 -4.62 -18.96
N MET B 375 -7.82 -5.53 -19.80
CA MET B 375 -9.18 -6.06 -19.79
C MET B 375 -9.55 -6.74 -18.47
N ASN B 376 -8.68 -7.66 -18.00
CA ASN B 376 -8.86 -8.35 -16.71
C ASN B 376 -8.92 -7.32 -15.59
N PHE B 377 -7.95 -6.38 -15.59
CA PHE B 377 -7.82 -5.31 -14.60
C PHE B 377 -9.09 -4.45 -14.53
N LEU B 378 -9.46 -3.77 -15.64
CA LEU B 378 -10.63 -2.89 -15.72
C LEU B 378 -11.93 -3.56 -15.33
N LYS B 379 -12.16 -4.79 -15.81
CA LYS B 379 -13.37 -5.54 -15.48
C LYS B 379 -13.42 -6.01 -14.03
N THR B 380 -12.26 -6.32 -13.42
CA THR B 380 -12.18 -6.70 -12.00
C THR B 380 -12.58 -5.48 -11.14
N VAL B 381 -12.07 -4.30 -11.48
CA VAL B 381 -12.36 -3.04 -10.79
C VAL B 381 -13.84 -2.69 -10.94
N ARG B 382 -14.40 -2.87 -12.16
CA ARG B 382 -15.80 -2.62 -12.49
C ARG B 382 -16.68 -3.55 -11.68
N SER B 383 -16.33 -4.83 -11.67
CA SER B 383 -17.05 -5.90 -10.98
C SER B 383 -17.05 -5.72 -9.46
N THR B 384 -15.94 -5.20 -8.88
CA THR B 384 -15.80 -4.96 -7.43
C THR B 384 -16.70 -3.79 -7.04
N THR B 385 -16.85 -2.79 -7.96
CA THR B 385 -17.75 -1.65 -7.76
C THR B 385 -19.19 -2.16 -7.75
N GLU B 386 -19.58 -3.00 -8.75
CA GLU B 386 -20.93 -3.59 -8.90
C GLU B 386 -21.34 -4.37 -7.65
N LYS B 387 -20.42 -5.16 -7.09
CA LYS B 387 -20.63 -5.99 -5.90
C LYS B 387 -20.93 -5.17 -4.65
N SER B 388 -20.63 -3.85 -4.68
CA SER B 388 -20.90 -2.95 -3.56
C SER B 388 -22.35 -2.44 -3.57
N LEU B 389 -23.11 -2.72 -4.64
CA LEU B 389 -24.51 -2.28 -4.66
C LEU B 389 -25.27 -3.00 -3.57
N LEU B 390 -26.03 -2.25 -2.75
CA LEU B 390 -26.81 -2.85 -1.66
C LEU B 390 -27.96 -3.65 -2.26
N LYS B 391 -28.57 -3.13 -3.35
CA LYS B 391 -29.68 -3.73 -4.10
C LYS B 391 -29.21 -4.15 -5.51
N GLU B 392 -29.21 -5.49 -5.79
CA GLU B 392 -28.81 -6.12 -7.07
C GLU B 392 -27.48 -5.59 -7.65
#